data_2Z1Q
#
_entry.id   2Z1Q
#
_cell.length_a   128.854
_cell.length_b   128.854
_cell.length_c   136.100
_cell.angle_alpha   90.00
_cell.angle_beta   90.00
_cell.angle_gamma   120.00
#
_symmetry.space_group_name_H-M   'P 32 2 1'
#
loop_
_entity.id
_entity.type
_entity.pdbx_description
1 polymer 'Acyl-CoA dehydrogenase'
2 non-polymer 'FLAVIN-ADENINE DINUCLEOTIDE'
3 water water
#
_entity_poly.entity_id   1
_entity_poly.type   'polypeptide(L)'
_entity_poly.pdbx_seq_one_letter_code
;MTEEKKLWQKGGGWLLEVPERVYTPEDFDESVKEIARTTRTFVEREVLPLLERMEHGELELNVPLMRKAGELGLLAIDVP
EEYGGLDLPKVISTVVAEELSGSGGFSVTYGAHTSIGTLPLVYFGTEEQKRKYLPKLASGEWIAAYCLTEPGSGSDALAA
KTRATLSEDGKHYILNGVKQWISNAGFAHLFTVFAKVDGEHFTAFLVERDTPGLSFGPEEKKMGIKASSTRQVILEDVKV
PVENVLGEIGKGHKIAFNVLNVGRYKLGAGAVGGAKRALELSAQYATQRVQFGRPIGRFGLIQQKLGEMASRIYAAESAV
YRTVGLIDEALLGKKGPEAVMAGIEEYAVEASIIKVLGSEVLDYVVDEGVQIHGGYGYSQEYPIERAYRDARINRIFEGT
NEINRLLIPGMLLRRALKGQLPLMQAAQRLQKELLEPSFEEPEDLELHQVQNLKKLALMVAGLAVQKYGQGVEEEQEVLG
AVADILIDAYAAESALLRARRLGGLAPVLARIYLAQALDRAQAGALSVLPRLVEGDEARVVYSAARRLTKREPGDLVALR
RQAAEAVLEAGGYPIPR
;
_entity_poly.pdbx_strand_id   A,B
#
# COMPACT_ATOMS: atom_id res chain seq x y z
N LYS A 5 -9.83 -28.32 26.80
CA LYS A 5 -11.04 -28.95 27.42
C LYS A 5 -12.28 -28.09 27.23
N LYS A 6 -12.50 -27.15 28.14
CA LYS A 6 -13.64 -26.24 28.11
C LYS A 6 -13.92 -25.72 26.70
N LEU A 7 -15.20 -25.49 26.42
CA LEU A 7 -15.66 -25.00 25.12
C LEU A 7 -15.08 -23.62 24.76
N TRP A 8 -14.59 -22.89 25.76
CA TRP A 8 -14.03 -21.56 25.49
C TRP A 8 -12.52 -21.60 25.30
N GLN A 9 -11.85 -22.53 25.96
CA GLN A 9 -10.40 -22.62 25.86
C GLN A 9 -9.92 -23.46 24.67
N LYS A 10 -10.86 -24.13 24.00
CA LYS A 10 -10.50 -24.96 22.85
C LYS A 10 -10.37 -24.13 21.58
N GLY A 11 -9.69 -24.69 20.57
CA GLY A 11 -9.50 -23.97 19.32
C GLY A 11 -10.79 -23.36 18.78
N GLY A 12 -10.73 -22.06 18.47
CA GLY A 12 -11.91 -21.39 17.95
C GLY A 12 -13.06 -21.32 18.95
N GLY A 13 -12.83 -21.83 20.15
CA GLY A 13 -13.87 -21.80 21.17
C GLY A 13 -14.37 -20.42 21.52
N TRP A 14 -13.52 -19.40 21.36
CA TRP A 14 -13.91 -18.02 21.67
C TRP A 14 -15.13 -17.56 20.88
N LEU A 15 -15.52 -18.36 19.89
CA LEU A 15 -16.66 -18.00 19.06
C LEU A 15 -18.01 -18.22 19.75
N LEU A 16 -18.02 -18.99 20.85
CA LEU A 16 -19.27 -19.25 21.58
C LEU A 16 -19.23 -18.69 23.00
N GLU A 17 -18.19 -19.04 23.74
CA GLU A 17 -18.02 -18.59 25.11
C GLU A 17 -16.84 -17.62 25.20
N VAL A 18 -17.00 -16.57 26.00
CA VAL A 18 -15.94 -15.59 26.18
C VAL A 18 -14.83 -16.21 27.01
N PRO A 19 -13.56 -15.92 26.68
CA PRO A 19 -12.44 -16.48 27.45
C PRO A 19 -12.40 -15.92 28.87
N GLU A 20 -12.17 -16.79 29.84
CA GLU A 20 -12.11 -16.36 31.23
C GLU A 20 -10.72 -15.84 31.53
N ARG A 21 -9.83 -15.95 30.54
CA ARG A 21 -8.45 -15.52 30.71
C ARG A 21 -7.77 -15.33 29.34
N VAL A 22 -6.82 -14.41 29.28
CA VAL A 22 -6.07 -14.16 28.06
C VAL A 22 -4.64 -13.81 28.43
N TYR A 23 -3.69 -14.40 27.74
CA TYR A 23 -2.27 -14.16 27.99
C TYR A 23 -1.90 -12.85 27.28
N THR A 24 -1.31 -11.92 28.01
CA THR A 24 -0.92 -10.64 27.43
C THR A 24 0.58 -10.44 27.65
N PRO A 25 1.19 -9.50 26.93
CA PRO A 25 2.63 -9.27 27.10
C PRO A 25 2.96 -8.81 28.52
N GLU A 26 1.94 -8.37 29.25
CA GLU A 26 2.11 -7.94 30.64
C GLU A 26 2.28 -9.18 31.53
N ASP A 27 2.10 -10.37 30.92
CA ASP A 27 2.23 -11.64 31.62
C ASP A 27 3.58 -12.31 31.36
N PHE A 28 4.38 -11.71 30.49
CA PHE A 28 5.72 -12.24 30.20
C PHE A 28 6.48 -12.42 31.51
N ASP A 29 6.90 -13.65 31.84
CA ASP A 29 7.67 -13.85 33.06
C ASP A 29 9.05 -13.25 32.84
N GLU A 30 9.90 -13.33 33.86
CA GLU A 30 11.25 -12.77 33.80
C GLU A 30 12.18 -13.44 32.80
N SER A 31 11.89 -14.69 32.43
CA SER A 31 12.74 -15.39 31.48
C SER A 31 12.44 -14.88 30.06
N VAL A 32 11.17 -14.56 29.80
CA VAL A 32 10.77 -14.04 28.50
C VAL A 32 11.33 -12.64 28.29
N LYS A 33 11.24 -11.78 29.30
CA LYS A 33 11.76 -10.43 29.19
C LYS A 33 13.27 -10.48 29.01
N GLU A 34 13.91 -11.46 29.65
CA GLU A 34 15.35 -11.62 29.58
C GLU A 34 15.81 -11.84 28.14
N ILE A 35 15.15 -12.79 27.47
CA ILE A 35 15.51 -13.11 26.09
C ILE A 35 15.11 -12.01 25.11
N ALA A 36 14.04 -11.28 25.40
CA ALA A 36 13.63 -10.19 24.52
C ALA A 36 14.74 -9.12 24.51
N ARG A 37 15.29 -8.87 25.69
CA ARG A 37 16.36 -7.87 25.82
C ARG A 37 17.59 -8.43 25.10
N THR A 38 17.86 -9.72 25.28
CA THR A 38 19.01 -10.34 24.64
C THR A 38 18.90 -10.16 23.12
N THR A 39 17.71 -10.40 22.58
CA THR A 39 17.47 -10.26 21.14
C THR A 39 17.64 -8.80 20.74
N ARG A 40 17.01 -7.90 21.50
CA ARG A 40 17.09 -6.47 21.21
C ARG A 40 18.55 -5.99 21.18
N THR A 41 19.36 -6.44 22.13
CA THR A 41 20.76 -6.04 22.16
C THR A 41 21.50 -6.67 20.97
N PHE A 42 21.07 -7.87 20.60
CA PHE A 42 21.66 -8.59 19.49
C PHE A 42 21.50 -7.83 18.17
N VAL A 43 20.28 -7.41 17.86
CA VAL A 43 20.01 -6.67 16.63
C VAL A 43 20.54 -5.24 16.73
N GLU A 44 20.69 -4.75 17.96
CA GLU A 44 21.18 -3.40 18.18
C GLU A 44 22.63 -3.21 17.76
N ARG A 45 23.47 -4.20 18.04
CA ARG A 45 24.86 -4.04 17.66
C ARG A 45 25.51 -5.22 16.95
N GLU A 46 24.73 -5.92 16.14
CA GLU A 46 25.26 -7.04 15.37
C GLU A 46 24.61 -7.08 13.99
N VAL A 47 23.29 -6.90 13.95
CA VAL A 47 22.56 -6.94 12.69
C VAL A 47 22.50 -5.57 12.03
N LEU A 48 21.89 -4.60 12.70
CA LEU A 48 21.76 -3.24 12.19
C LEU A 48 23.07 -2.69 11.62
N PRO A 49 24.19 -2.90 12.33
CA PRO A 49 25.49 -2.39 11.84
C PRO A 49 25.94 -2.96 10.50
N LEU A 50 25.54 -4.18 10.18
CA LEU A 50 25.94 -4.80 8.93
C LEU A 50 24.81 -4.77 7.91
N LEU A 51 23.66 -4.23 8.32
CA LEU A 51 22.49 -4.17 7.46
C LEU A 51 22.75 -3.54 6.09
N GLU A 52 23.35 -2.36 6.09
CA GLU A 52 23.64 -1.66 4.84
C GLU A 52 24.54 -2.50 3.92
N ARG A 53 25.59 -3.10 4.49
CA ARG A 53 26.50 -3.92 3.69
C ARG A 53 25.75 -5.11 3.12
N MET A 54 24.84 -5.66 3.91
CA MET A 54 24.06 -6.81 3.46
C MET A 54 23.05 -6.40 2.37
N GLU A 55 22.42 -5.24 2.52
CA GLU A 55 21.47 -4.75 1.53
C GLU A 55 22.18 -4.45 0.21
N HIS A 56 23.50 -4.49 0.22
CA HIS A 56 24.27 -4.20 -0.99
C HIS A 56 25.08 -5.36 -1.54
N GLY A 57 24.62 -6.58 -1.27
CA GLY A 57 25.29 -7.75 -1.80
C GLY A 57 26.03 -8.70 -0.87
N GLU A 58 26.59 -8.18 0.21
CA GLU A 58 27.34 -9.05 1.11
C GLU A 58 26.44 -9.94 1.95
N LEU A 59 25.65 -10.76 1.27
CA LEU A 59 24.74 -11.68 1.95
C LEU A 59 25.49 -12.70 2.82
N GLU A 60 26.75 -12.97 2.49
CA GLU A 60 27.56 -13.93 3.24
C GLU A 60 27.66 -13.55 4.73
N LEU A 61 27.35 -12.29 5.06
CA LEU A 61 27.42 -11.79 6.44
C LEU A 61 26.31 -12.39 7.29
N ASN A 62 25.35 -13.02 6.62
CA ASN A 62 24.25 -13.69 7.28
C ASN A 62 24.86 -14.87 8.05
N VAL A 63 25.98 -15.40 7.56
CA VAL A 63 26.59 -16.57 8.21
C VAL A 63 27.17 -16.29 9.60
N PRO A 64 28.05 -15.28 9.71
CA PRO A 64 28.60 -15.00 11.04
C PRO A 64 27.50 -14.49 11.99
N LEU A 65 26.44 -13.92 11.44
CA LEU A 65 25.36 -13.42 12.30
C LEU A 65 24.52 -14.57 12.85
N MET A 66 24.31 -15.60 12.04
CA MET A 66 23.52 -16.73 12.48
C MET A 66 24.33 -17.49 13.52
N ARG A 67 25.65 -17.45 13.41
CA ARG A 67 26.48 -18.13 14.39
C ARG A 67 26.33 -17.45 15.74
N LYS A 68 26.26 -16.13 15.77
CA LYS A 68 26.13 -15.43 17.04
C LYS A 68 24.74 -15.63 17.63
N ALA A 69 23.74 -15.68 16.75
CA ALA A 69 22.39 -15.90 17.20
C ALA A 69 22.40 -17.29 17.85
N GLY A 70 23.12 -18.22 17.23
CA GLY A 70 23.19 -19.58 17.75
C GLY A 70 23.87 -19.63 19.11
N GLU A 71 24.95 -18.88 19.24
CA GLU A 71 25.70 -18.85 20.48
C GLU A 71 24.85 -18.21 21.58
N LEU A 72 23.84 -17.43 21.20
CA LEU A 72 22.97 -16.78 22.17
C LEU A 72 21.81 -17.67 22.58
N GLY A 73 21.68 -18.83 21.93
CA GLY A 73 20.57 -19.72 22.26
C GLY A 73 19.33 -19.48 21.41
N LEU A 74 19.35 -18.43 20.59
CA LEU A 74 18.22 -18.08 19.73
C LEU A 74 17.85 -19.11 18.65
N LEU A 75 18.76 -20.04 18.38
CA LEU A 75 18.55 -21.09 17.38
C LEU A 75 18.18 -22.44 18.01
N ALA A 76 18.10 -22.49 19.34
CA ALA A 76 17.78 -23.75 20.03
C ALA A 76 16.46 -23.69 20.81
N ILE A 77 15.75 -22.58 20.67
CA ILE A 77 14.49 -22.36 21.35
C ILE A 77 13.46 -23.47 21.10
N ASP A 78 13.19 -23.74 19.83
CA ASP A 78 12.22 -24.77 19.46
C ASP A 78 12.86 -26.13 19.19
N VAL A 79 14.03 -26.39 19.77
CA VAL A 79 14.68 -27.68 19.55
C VAL A 79 14.71 -28.52 20.83
N PRO A 80 14.41 -29.82 20.72
CA PRO A 80 14.41 -30.74 21.87
C PRO A 80 15.74 -30.70 22.59
N GLU A 81 15.70 -30.74 23.93
CA GLU A 81 16.91 -30.70 24.72
C GLU A 81 17.89 -31.83 24.43
N GLU A 82 17.37 -33.01 24.08
CA GLU A 82 18.23 -34.15 23.78
C GLU A 82 18.92 -34.01 22.43
N TYR A 83 18.89 -32.81 21.86
CA TYR A 83 19.54 -32.55 20.57
C TYR A 83 20.20 -31.19 20.52
N GLY A 84 20.60 -30.68 21.68
CA GLY A 84 21.24 -29.38 21.73
C GLY A 84 20.25 -28.24 21.88
N GLY A 85 18.97 -28.56 21.99
CA GLY A 85 17.98 -27.51 22.12
C GLY A 85 17.65 -27.09 23.54
N LEU A 86 16.86 -26.03 23.66
CA LEU A 86 16.43 -25.49 24.95
C LEU A 86 14.97 -25.86 25.19
N ASP A 87 14.24 -26.14 24.11
CA ASP A 87 12.84 -26.54 24.20
C ASP A 87 12.04 -25.66 25.16
N LEU A 88 11.96 -24.37 24.84
CA LEU A 88 11.26 -23.40 25.66
C LEU A 88 9.84 -23.14 25.15
N PRO A 89 8.97 -22.49 25.97
CA PRO A 89 7.59 -22.21 25.54
C PRO A 89 7.52 -21.35 24.28
N LYS A 90 6.43 -21.49 23.51
CA LYS A 90 6.28 -20.73 22.27
C LYS A 90 6.29 -19.23 22.38
N VAL A 91 6.01 -18.70 23.57
CA VAL A 91 6.03 -17.26 23.76
C VAL A 91 7.45 -16.73 23.62
N ILE A 92 8.44 -17.53 24.00
CA ILE A 92 9.84 -17.11 23.90
C ILE A 92 10.25 -17.06 22.44
N SER A 93 9.84 -18.07 21.70
CA SER A 93 10.14 -18.17 20.29
C SER A 93 9.43 -17.02 19.55
N THR A 94 8.26 -16.66 20.04
CA THR A 94 7.47 -15.60 19.46
C THR A 94 8.10 -14.22 19.72
N VAL A 95 8.37 -13.90 20.99
CA VAL A 95 8.96 -12.61 21.29
C VAL A 95 10.27 -12.39 20.54
N VAL A 96 11.03 -13.46 20.36
CA VAL A 96 12.28 -13.38 19.62
C VAL A 96 11.95 -12.96 18.18
N ALA A 97 10.97 -13.62 17.56
CA ALA A 97 10.61 -13.27 16.20
C ALA A 97 10.26 -11.77 16.15
N GLU A 98 9.43 -11.33 17.09
CA GLU A 98 9.02 -9.95 17.15
C GLU A 98 10.18 -8.96 17.15
N GLU A 99 11.11 -9.13 18.09
CA GLU A 99 12.28 -8.24 18.23
C GLU A 99 13.31 -8.32 17.09
N LEU A 100 13.31 -9.43 16.37
CA LEU A 100 14.26 -9.60 15.27
C LEU A 100 13.71 -9.16 13.94
N SER A 101 12.39 -8.99 13.90
CA SER A 101 11.76 -8.63 12.65
C SER A 101 11.46 -7.15 12.45
N GLY A 102 12.47 -6.32 12.66
CA GLY A 102 12.32 -4.89 12.50
C GLY A 102 13.63 -4.23 12.11
N SER A 103 14.71 -5.02 12.13
CA SER A 103 16.05 -4.54 11.79
C SER A 103 16.45 -4.81 10.33
N GLY A 104 15.74 -5.73 9.67
CA GLY A 104 16.04 -6.03 8.29
C GLY A 104 15.76 -7.46 7.84
N GLY A 105 16.14 -7.77 6.59
CA GLY A 105 15.95 -9.09 6.02
C GLY A 105 16.55 -10.25 6.80
N PHE A 106 17.38 -9.95 7.80
CA PHE A 106 17.96 -11.00 8.61
C PHE A 106 16.84 -11.72 9.34
N SER A 107 15.70 -11.07 9.48
CA SER A 107 14.56 -11.70 10.16
C SER A 107 14.10 -12.92 9.37
N VAL A 108 14.24 -12.87 8.05
CA VAL A 108 13.85 -13.97 7.17
C VAL A 108 14.92 -15.06 7.21
N THR A 109 16.17 -14.66 7.34
CA THR A 109 17.26 -15.62 7.40
C THR A 109 17.02 -16.46 8.65
N TYR A 110 16.68 -15.79 9.74
CA TYR A 110 16.44 -16.44 11.03
C TYR A 110 15.14 -17.22 11.00
N GLY A 111 14.12 -16.61 10.41
CA GLY A 111 12.82 -17.24 10.32
C GLY A 111 12.82 -18.52 9.50
N ALA A 112 13.47 -18.50 8.33
CA ALA A 112 13.49 -19.67 7.46
C ALA A 112 14.27 -20.81 8.12
N HIS A 113 15.33 -20.47 8.83
CA HIS A 113 16.12 -21.47 9.51
C HIS A 113 15.37 -22.08 10.70
N THR A 114 14.94 -21.22 11.63
CA THR A 114 14.27 -21.69 12.84
C THR A 114 12.92 -22.37 12.68
N SER A 115 12.20 -22.08 11.60
CA SER A 115 10.91 -22.71 11.42
C SER A 115 10.91 -23.80 10.35
N ILE A 116 10.64 -23.43 9.10
CA ILE A 116 10.63 -24.42 8.03
C ILE A 116 11.94 -25.20 7.86
N GLY A 117 13.07 -24.56 8.14
CA GLY A 117 14.34 -25.26 7.96
C GLY A 117 14.67 -26.27 9.04
N THR A 118 14.16 -26.04 10.25
CA THR A 118 14.45 -26.92 11.38
C THR A 118 13.29 -27.81 11.84
N LEU A 119 12.08 -27.25 11.96
CA LEU A 119 10.93 -28.01 12.45
C LEU A 119 10.61 -29.32 11.73
N PRO A 120 10.72 -29.36 10.40
CA PRO A 120 10.41 -30.62 9.72
C PRO A 120 11.21 -31.79 10.30
N LEU A 121 12.47 -31.53 10.64
CA LEU A 121 13.34 -32.55 11.21
C LEU A 121 12.93 -32.90 12.65
N VAL A 122 12.38 -31.92 13.36
CA VAL A 122 11.96 -32.13 14.74
C VAL A 122 10.66 -32.92 14.83
N TYR A 123 9.76 -32.66 13.88
CA TYR A 123 8.46 -33.32 13.85
C TYR A 123 8.45 -34.70 13.20
N PHE A 124 9.22 -34.89 12.15
CA PHE A 124 9.22 -36.16 11.44
C PHE A 124 10.55 -36.85 11.33
N GLY A 125 11.59 -36.19 11.83
CA GLY A 125 12.93 -36.76 11.74
C GLY A 125 13.12 -38.00 12.61
N THR A 126 13.86 -38.98 12.10
CA THR A 126 14.10 -40.18 12.90
C THR A 126 15.20 -39.86 13.89
N GLU A 127 15.39 -40.75 14.87
CA GLU A 127 16.43 -40.57 15.88
C GLU A 127 17.79 -40.26 15.26
N GLU A 128 18.25 -41.12 14.36
CA GLU A 128 19.54 -40.92 13.70
C GLU A 128 19.61 -39.57 12.99
N GLN A 129 18.57 -39.25 12.23
CA GLN A 129 18.52 -38.00 11.48
C GLN A 129 18.68 -36.80 12.40
N LYS A 130 17.92 -36.81 13.48
CA LYS A 130 17.96 -35.72 14.44
C LYS A 130 19.28 -35.61 15.20
N ARG A 131 19.94 -36.75 15.39
CA ARG A 131 21.20 -36.79 16.12
C ARG A 131 22.36 -36.25 15.30
N LYS A 132 22.29 -36.42 14.00
CA LYS A 132 23.38 -35.94 13.18
C LYS A 132 23.07 -34.67 12.42
N TYR A 133 21.95 -34.01 12.73
CA TYR A 133 21.59 -32.78 12.03
C TYR A 133 21.14 -31.67 12.97
N LEU A 134 20.24 -31.99 13.90
CA LEU A 134 19.73 -30.99 14.83
C LEU A 134 20.76 -30.26 15.67
N PRO A 135 21.75 -30.98 16.24
CA PRO A 135 22.74 -30.26 17.05
C PRO A 135 23.33 -29.05 16.33
N LYS A 136 23.68 -29.21 15.06
CA LYS A 136 24.26 -28.12 14.28
C LYS A 136 23.26 -27.04 13.90
N LEU A 137 21.98 -27.39 13.78
CA LEU A 137 20.96 -26.39 13.44
C LEU A 137 20.63 -25.54 14.67
N ALA A 138 20.74 -26.14 15.85
CA ALA A 138 20.45 -25.40 17.08
C ALA A 138 21.64 -24.53 17.51
N SER A 139 22.85 -24.92 17.08
CA SER A 139 24.05 -24.17 17.42
C SER A 139 24.34 -23.06 16.40
N GLY A 140 23.86 -23.23 15.17
CA GLY A 140 24.10 -22.24 14.15
C GLY A 140 25.29 -22.58 13.26
N GLU A 141 25.96 -23.70 13.54
CA GLU A 141 27.11 -24.13 12.74
C GLU A 141 26.62 -24.40 11.32
N TRP A 142 25.38 -24.87 11.25
CA TRP A 142 24.75 -25.15 9.98
C TRP A 142 23.49 -24.33 9.89
N ILE A 143 23.21 -23.86 8.68
CA ILE A 143 22.01 -23.08 8.41
C ILE A 143 21.12 -23.96 7.53
N ALA A 144 19.82 -23.91 7.75
CA ALA A 144 18.88 -24.73 6.98
C ALA A 144 18.05 -23.89 6.03
N ALA A 145 17.56 -24.55 4.99
CA ALA A 145 16.71 -23.95 3.97
C ALA A 145 15.58 -24.96 3.70
N TYR A 146 14.43 -24.45 3.25
CA TYR A 146 13.22 -25.27 2.96
C TYR A 146 12.92 -25.17 1.46
N CYS A 147 12.89 -26.31 0.77
CA CYS A 147 12.63 -26.30 -0.67
C CYS A 147 11.34 -27.00 -1.07
N LEU A 148 10.28 -26.22 -1.17
CA LEU A 148 8.97 -26.75 -1.53
C LEU A 148 8.49 -26.13 -2.82
N THR A 149 8.33 -24.81 -2.82
CA THR A 149 7.85 -24.05 -3.97
C THR A 149 8.65 -24.31 -5.27
N GLU A 150 7.94 -24.29 -6.39
CA GLU A 150 8.56 -24.47 -7.71
C GLU A 150 7.98 -23.44 -8.65
N PRO A 151 8.58 -23.26 -9.84
CA PRO A 151 8.07 -22.29 -10.81
C PRO A 151 6.56 -22.41 -11.07
N GLY A 152 6.10 -23.64 -11.28
CA GLY A 152 4.70 -23.86 -11.56
C GLY A 152 3.89 -24.38 -10.39
N SER A 153 4.33 -24.09 -9.17
CA SER A 153 3.61 -24.53 -7.98
C SER A 153 3.99 -23.72 -6.75
N GLY A 154 3.01 -23.03 -6.18
CA GLY A 154 3.25 -22.22 -5.00
C GLY A 154 2.14 -22.43 -3.99
N SER A 155 1.06 -21.66 -4.11
CA SER A 155 -0.07 -21.81 -3.20
C SER A 155 -0.47 -23.29 -3.21
N ASP A 156 -0.36 -23.90 -4.38
CA ASP A 156 -0.69 -25.33 -4.55
C ASP A 156 0.62 -26.11 -4.41
N ALA A 157 1.19 -26.11 -3.21
CA ALA A 157 2.47 -26.80 -2.94
C ALA A 157 2.54 -28.25 -3.33
N LEU A 158 1.46 -28.97 -3.05
CA LEU A 158 1.39 -30.40 -3.33
C LEU A 158 1.51 -30.73 -4.82
N ALA A 159 1.66 -29.70 -5.65
CA ALA A 159 1.78 -29.89 -7.08
C ALA A 159 3.25 -29.89 -7.56
N ALA A 160 4.18 -29.91 -6.61
CA ALA A 160 5.61 -29.93 -6.94
C ALA A 160 5.81 -30.96 -8.04
N LYS A 161 6.73 -30.65 -8.96
CA LYS A 161 6.99 -31.53 -10.08
C LYS A 161 8.34 -32.26 -10.00
N THR A 162 9.19 -31.87 -9.05
CA THR A 162 10.50 -32.49 -8.92
C THR A 162 10.31 -34.00 -8.68
N ARG A 163 11.02 -34.81 -9.45
CA ARG A 163 10.91 -36.27 -9.38
C ARG A 163 12.00 -36.95 -8.56
N ALA A 164 11.64 -38.03 -7.88
CA ALA A 164 12.59 -38.80 -7.07
C ALA A 164 12.52 -40.26 -7.54
N THR A 165 13.59 -40.75 -8.17
CA THR A 165 13.64 -42.12 -8.68
C THR A 165 14.67 -42.95 -7.92
N LEU A 166 14.29 -44.13 -7.48
CA LEU A 166 15.20 -45.00 -6.74
C LEU A 166 16.34 -45.46 -7.64
N SER A 167 17.58 -45.34 -7.18
CA SER A 167 18.73 -45.75 -7.97
C SER A 167 18.69 -47.27 -8.19
N GLU A 168 19.46 -47.72 -9.16
CA GLU A 168 19.52 -49.14 -9.50
C GLU A 168 19.84 -50.04 -8.29
N ASP A 169 20.88 -49.68 -7.52
CA ASP A 169 21.24 -50.47 -6.35
C ASP A 169 20.29 -50.16 -5.19
N GLY A 170 19.35 -49.26 -5.43
CA GLY A 170 18.37 -48.89 -4.40
C GLY A 170 19.01 -48.32 -3.15
N LYS A 171 20.18 -47.71 -3.29
CA LYS A 171 20.83 -47.15 -2.12
C LYS A 171 20.60 -45.64 -2.04
N HIS A 172 20.13 -45.05 -3.14
CA HIS A 172 19.88 -43.61 -3.19
C HIS A 172 18.59 -43.28 -3.96
N TYR A 173 18.12 -42.05 -3.79
CA TYR A 173 16.94 -41.56 -4.51
C TYR A 173 17.49 -40.44 -5.38
N ILE A 174 17.34 -40.56 -6.69
CA ILE A 174 17.83 -39.57 -7.64
C ILE A 174 16.76 -38.51 -7.91
N LEU A 175 17.05 -37.28 -7.52
CA LEU A 175 16.12 -36.18 -7.70
C LEU A 175 16.45 -35.29 -8.90
N ASN A 176 15.39 -34.82 -9.56
CA ASN A 176 15.49 -33.93 -10.72
C ASN A 176 14.33 -32.93 -10.68
N GLY A 177 14.66 -31.66 -10.74
CA GLY A 177 13.66 -30.61 -10.70
C GLY A 177 14.25 -29.25 -10.37
N VAL A 178 13.39 -28.26 -10.21
CA VAL A 178 13.80 -26.91 -9.91
C VAL A 178 12.97 -26.33 -8.75
N LYS A 179 13.64 -25.79 -7.74
CA LYS A 179 13.03 -25.18 -6.56
C LYS A 179 13.02 -23.67 -6.75
N GLN A 180 11.89 -23.02 -6.49
CA GLN A 180 11.75 -21.58 -6.66
C GLN A 180 11.80 -20.75 -5.37
N TRP A 181 12.47 -19.60 -5.41
CA TRP A 181 12.61 -18.68 -4.28
C TRP A 181 13.05 -19.36 -2.98
N ILE A 182 14.21 -19.99 -2.96
CA ILE A 182 14.61 -20.62 -1.70
C ILE A 182 15.42 -19.71 -0.78
N SER A 183 14.85 -19.41 0.39
CA SER A 183 15.53 -18.57 1.36
C SER A 183 16.78 -19.28 1.91
N ASN A 184 17.84 -18.50 2.15
CA ASN A 184 19.10 -19.04 2.67
C ASN A 184 19.89 -19.90 1.70
N ALA A 185 19.34 -20.10 0.51
CA ALA A 185 19.98 -20.93 -0.52
C ALA A 185 21.44 -20.55 -0.76
N GLY A 186 21.75 -19.27 -0.62
CA GLY A 186 23.11 -18.81 -0.85
C GLY A 186 24.15 -19.41 0.10
N PHE A 187 23.72 -19.86 1.29
CA PHE A 187 24.68 -20.41 2.27
C PHE A 187 24.22 -21.54 3.18
N ALA A 188 22.99 -22.01 3.03
CA ALA A 188 22.46 -23.08 3.86
C ALA A 188 23.27 -24.35 3.62
N HIS A 189 23.54 -25.09 4.69
CA HIS A 189 24.30 -26.34 4.61
C HIS A 189 23.35 -27.51 4.41
N LEU A 190 22.11 -27.36 4.85
CA LEU A 190 21.14 -28.43 4.74
C LEU A 190 19.86 -28.01 4.04
N PHE A 191 19.39 -28.84 3.12
CA PHE A 191 18.18 -28.51 2.41
C PHE A 191 17.12 -29.58 2.63
N THR A 192 15.90 -29.15 2.92
CA THR A 192 14.79 -30.07 3.10
C THR A 192 14.01 -29.85 1.80
N VAL A 193 14.18 -30.79 0.87
CA VAL A 193 13.59 -30.69 -0.45
C VAL A 193 12.40 -31.59 -0.64
N PHE A 194 11.41 -31.09 -1.38
CA PHE A 194 10.23 -31.87 -1.63
C PHE A 194 10.20 -32.35 -3.08
N ALA A 195 10.01 -33.66 -3.24
CA ALA A 195 9.95 -34.28 -4.55
C ALA A 195 8.93 -35.40 -4.56
N LYS A 196 8.57 -35.87 -5.75
CA LYS A 196 7.60 -36.94 -5.85
C LYS A 196 8.22 -38.24 -6.35
N VAL A 197 8.19 -39.27 -5.51
CA VAL A 197 8.73 -40.56 -5.88
C VAL A 197 7.94 -41.09 -7.06
N ASP A 198 8.63 -41.39 -8.16
CA ASP A 198 7.99 -41.91 -9.36
C ASP A 198 6.96 -40.92 -9.87
N GLY A 199 7.08 -39.67 -9.45
CA GLY A 199 6.17 -38.62 -9.85
C GLY A 199 4.79 -38.80 -9.25
N GLU A 200 4.72 -39.48 -8.11
CA GLU A 200 3.41 -39.73 -7.51
C GLU A 200 3.34 -39.52 -6.00
N HIS A 201 4.46 -39.70 -5.32
CA HIS A 201 4.48 -39.57 -3.88
C HIS A 201 5.22 -38.37 -3.30
N PHE A 202 4.47 -37.33 -2.95
CA PHE A 202 5.02 -36.10 -2.38
C PHE A 202 5.79 -36.53 -1.12
N THR A 203 7.12 -36.31 -1.13
CA THR A 203 7.97 -36.73 -0.02
C THR A 203 9.03 -35.69 0.35
N ALA A 204 9.51 -35.72 1.61
CA ALA A 204 10.55 -34.80 2.06
C ALA A 204 11.91 -35.50 2.04
N PHE A 205 12.95 -34.76 1.66
CA PHE A 205 14.31 -35.32 1.56
C PHE A 205 15.38 -34.44 2.18
N LEU A 206 16.17 -34.99 3.10
CA LEU A 206 17.25 -34.21 3.71
C LEU A 206 18.37 -34.18 2.66
N VAL A 207 18.77 -32.99 2.22
CA VAL A 207 19.81 -32.85 1.20
C VAL A 207 20.95 -31.90 1.59
N GLU A 208 22.17 -32.44 1.72
CA GLU A 208 23.32 -31.61 2.08
C GLU A 208 23.80 -30.80 0.88
N ARG A 209 24.28 -29.60 1.18
CA ARG A 209 24.76 -28.68 0.17
C ARG A 209 25.82 -29.25 -0.76
N ASP A 210 26.82 -29.91 -0.17
CA ASP A 210 27.93 -30.47 -0.94
C ASP A 210 27.56 -31.73 -1.75
N THR A 211 26.36 -31.77 -2.28
CA THR A 211 25.92 -32.93 -3.06
C THR A 211 26.03 -32.70 -4.57
N PRO A 212 26.65 -33.65 -5.28
CA PRO A 212 26.82 -33.56 -6.74
C PRO A 212 25.48 -33.34 -7.44
N GLY A 213 25.48 -32.47 -8.45
CA GLY A 213 24.25 -32.20 -9.19
C GLY A 213 23.39 -31.10 -8.58
N LEU A 214 23.74 -30.67 -7.38
CA LEU A 214 22.98 -29.63 -6.71
C LEU A 214 23.63 -28.27 -6.99
N SER A 215 22.88 -27.39 -7.65
CA SER A 215 23.38 -26.05 -7.96
C SER A 215 22.35 -24.99 -7.58
N PHE A 216 22.73 -23.73 -7.69
CA PHE A 216 21.81 -22.66 -7.35
C PHE A 216 21.88 -21.54 -8.36
N GLY A 217 20.74 -20.90 -8.61
CA GLY A 217 20.72 -19.80 -9.55
C GLY A 217 21.24 -18.59 -8.81
N PRO A 218 21.50 -17.47 -9.52
CA PRO A 218 22.01 -16.27 -8.85
C PRO A 218 20.96 -15.73 -7.88
N GLU A 219 21.39 -14.83 -7.00
CA GLU A 219 20.50 -14.21 -6.04
C GLU A 219 19.36 -13.53 -6.80
N GLU A 220 18.13 -13.69 -6.31
CA GLU A 220 16.98 -13.08 -6.96
C GLU A 220 16.99 -11.57 -6.66
N LYS A 221 16.63 -10.78 -7.67
CA LYS A 221 16.55 -9.35 -7.48
C LYS A 221 15.14 -9.08 -6.99
N LYS A 222 15.01 -8.77 -5.70
CA LYS A 222 13.71 -8.54 -5.07
C LYS A 222 13.32 -7.10 -4.74
N MET A 223 12.03 -6.88 -4.46
CA MET A 223 11.55 -5.54 -4.12
C MET A 223 12.14 -5.14 -2.77
N GLY A 224 12.21 -6.10 -1.85
CA GLY A 224 12.71 -5.85 -0.53
C GLY A 224 13.48 -7.00 0.09
N ILE A 225 13.60 -6.97 1.42
CA ILE A 225 14.37 -7.95 2.18
C ILE A 225 15.59 -8.41 1.40
N LYS A 226 16.36 -7.44 0.93
CA LYS A 226 17.56 -7.72 0.16
C LYS A 226 18.69 -8.30 1.01
N ALA A 227 18.61 -8.08 2.32
CA ALA A 227 19.62 -8.62 3.24
C ALA A 227 19.45 -10.14 3.35
N SER A 228 18.36 -10.65 2.80
CA SER A 228 18.11 -12.10 2.82
C SER A 228 18.53 -12.72 1.50
N SER A 229 19.02 -13.96 1.56
CA SER A 229 19.45 -14.70 0.37
C SER A 229 18.26 -15.46 -0.19
N THR A 230 18.00 -15.30 -1.48
CA THR A 230 16.92 -16.03 -2.13
C THR A 230 17.41 -16.50 -3.51
N ARG A 231 17.48 -17.80 -3.71
CA ARG A 231 17.92 -18.34 -5.00
C ARG A 231 17.09 -19.53 -5.42
N GLN A 232 17.23 -19.87 -6.69
CA GLN A 232 16.54 -21.00 -7.25
C GLN A 232 17.46 -22.19 -7.02
N VAL A 233 16.92 -23.29 -6.52
CA VAL A 233 17.69 -24.49 -6.28
C VAL A 233 17.44 -25.49 -7.41
N ILE A 234 18.50 -25.84 -8.12
CA ILE A 234 18.42 -26.75 -9.24
C ILE A 234 19.01 -28.11 -8.92
N LEU A 235 18.17 -29.14 -9.02
CA LEU A 235 18.59 -30.51 -8.76
C LEU A 235 18.67 -31.32 -10.06
N GLU A 236 19.90 -31.68 -10.44
CA GLU A 236 20.12 -32.46 -11.64
C GLU A 236 20.82 -33.75 -11.21
N ASP A 237 20.06 -34.83 -11.15
CA ASP A 237 20.59 -36.14 -10.73
C ASP A 237 21.29 -36.07 -9.39
N VAL A 238 20.58 -35.52 -8.39
CA VAL A 238 21.11 -35.41 -7.04
C VAL A 238 20.79 -36.70 -6.30
N LYS A 239 21.83 -37.47 -6.00
CA LYS A 239 21.67 -38.73 -5.29
C LYS A 239 21.54 -38.48 -3.80
N VAL A 240 20.40 -38.89 -3.23
CA VAL A 240 20.15 -38.71 -1.82
C VAL A 240 19.99 -40.08 -1.16
N PRO A 241 20.79 -40.35 -0.11
CA PRO A 241 20.69 -41.66 0.56
C PRO A 241 19.24 -41.96 0.96
N VAL A 242 18.82 -43.21 0.76
CA VAL A 242 17.46 -43.60 1.10
C VAL A 242 17.13 -43.27 2.56
N GLU A 243 18.14 -43.25 3.42
CA GLU A 243 17.92 -42.95 4.84
C GLU A 243 17.66 -41.47 5.10
N ASN A 244 17.88 -40.63 4.10
CA ASN A 244 17.64 -39.19 4.24
C ASN A 244 16.19 -38.84 3.96
N VAL A 245 15.35 -39.84 3.72
CA VAL A 245 13.94 -39.58 3.48
C VAL A 245 13.34 -39.04 4.78
N LEU A 246 12.71 -37.88 4.70
CA LEU A 246 12.11 -37.28 5.90
C LEU A 246 10.62 -37.58 5.99
N GLY A 247 10.25 -38.26 7.08
CA GLY A 247 8.86 -38.62 7.28
C GLY A 247 8.56 -39.84 6.42
N GLU A 248 7.31 -39.94 5.99
CA GLU A 248 6.85 -41.06 5.17
C GLU A 248 6.72 -40.73 3.69
N ILE A 249 7.21 -41.64 2.85
CA ILE A 249 7.11 -41.46 1.42
C ILE A 249 5.65 -41.29 1.05
N GLY A 250 5.32 -40.21 0.34
CA GLY A 250 3.95 -39.97 -0.06
C GLY A 250 3.17 -39.15 0.96
N LYS A 251 3.72 -39.00 2.16
CA LYS A 251 3.05 -38.24 3.21
C LYS A 251 3.79 -36.95 3.58
N GLY A 252 4.51 -36.38 2.61
CA GLY A 252 5.24 -35.15 2.86
C GLY A 252 4.32 -33.97 3.17
N HIS A 253 3.05 -34.06 2.77
CA HIS A 253 2.09 -32.99 3.04
C HIS A 253 1.97 -32.75 4.54
N LYS A 254 2.19 -33.81 5.31
CA LYS A 254 2.10 -33.75 6.77
C LYS A 254 3.12 -32.77 7.35
N ILE A 255 4.32 -32.74 6.78
CA ILE A 255 5.39 -31.86 7.21
C ILE A 255 5.05 -30.42 6.78
N ALA A 256 4.69 -30.24 5.51
CA ALA A 256 4.36 -28.93 4.98
C ALA A 256 3.29 -28.20 5.78
N PHE A 257 2.20 -28.90 6.06
CA PHE A 257 1.09 -28.31 6.81
C PHE A 257 1.44 -27.97 8.24
N ASN A 258 2.09 -28.88 8.95
CA ASN A 258 2.40 -28.61 10.35
C ASN A 258 3.33 -27.43 10.59
N VAL A 259 4.35 -27.27 9.77
CA VAL A 259 5.26 -26.15 9.95
C VAL A 259 4.56 -24.82 9.69
N LEU A 260 3.61 -24.82 8.77
CA LEU A 260 2.87 -23.61 8.45
C LEU A 260 2.24 -23.00 9.70
N ASN A 261 1.81 -23.84 10.64
CA ASN A 261 1.17 -23.33 11.86
C ASN A 261 2.14 -22.40 12.62
N VAL A 262 3.37 -22.88 12.81
CA VAL A 262 4.37 -22.08 13.51
C VAL A 262 4.77 -20.85 12.69
N GLY A 263 4.88 -21.02 11.37
CA GLY A 263 5.27 -19.93 10.49
C GLY A 263 4.32 -18.77 10.60
N ARG A 264 3.05 -19.12 10.72
CA ARG A 264 1.97 -18.18 10.83
C ARG A 264 1.98 -17.24 12.04
N TYR A 265 1.96 -17.80 13.24
CA TYR A 265 1.94 -16.95 14.41
C TYR A 265 3.26 -16.22 14.57
N LYS A 266 4.31 -16.87 14.11
CA LYS A 266 5.67 -16.33 14.15
C LYS A 266 5.68 -15.08 13.25
N LEU A 267 5.06 -15.18 12.08
CA LEU A 267 5.03 -14.03 11.17
C LEU A 267 4.16 -12.94 11.79
N GLY A 268 3.04 -13.33 12.40
CA GLY A 268 2.17 -12.36 13.04
C GLY A 268 2.97 -11.52 14.01
N ALA A 269 3.80 -12.19 14.82
CA ALA A 269 4.67 -11.56 15.81
C ALA A 269 5.71 -10.64 15.15
N GLY A 270 6.35 -11.13 14.10
CA GLY A 270 7.33 -10.32 13.38
C GLY A 270 6.64 -9.08 12.81
N ALA A 271 5.45 -9.25 12.25
CA ALA A 271 4.74 -8.10 11.70
C ALA A 271 4.52 -7.06 12.79
N VAL A 272 4.27 -7.53 14.02
CA VAL A 272 4.05 -6.58 15.10
C VAL A 272 5.34 -5.84 15.42
N GLY A 273 6.46 -6.55 15.45
CA GLY A 273 7.74 -5.92 15.71
C GLY A 273 8.07 -4.88 14.64
N GLY A 274 7.86 -5.24 13.37
CA GLY A 274 8.16 -4.29 12.31
C GLY A 274 7.24 -3.09 12.36
N ALA A 275 5.97 -3.32 12.69
CA ALA A 275 5.02 -2.22 12.77
C ALA A 275 5.49 -1.29 13.88
N LYS A 276 5.89 -1.85 15.00
CA LYS A 276 6.37 -1.00 16.10
C LYS A 276 7.60 -0.19 15.69
N ARG A 277 8.54 -0.81 14.98
CA ARG A 277 9.75 -0.12 14.54
C ARG A 277 9.37 1.01 13.59
N ALA A 278 8.44 0.73 12.68
CA ALA A 278 8.01 1.72 11.71
C ALA A 278 7.32 2.90 12.42
N LEU A 279 6.61 2.61 13.51
CA LEU A 279 5.93 3.65 14.28
C LEU A 279 6.99 4.51 14.97
N GLU A 280 8.10 3.89 15.39
CA GLU A 280 9.16 4.66 16.03
C GLU A 280 9.69 5.71 15.07
N LEU A 281 10.02 5.28 13.86
CA LEU A 281 10.55 6.17 12.84
C LEU A 281 9.56 7.31 12.58
N SER A 282 8.29 6.96 12.45
CA SER A 282 7.25 7.94 12.18
C SER A 282 7.07 8.93 13.32
N ALA A 283 7.00 8.42 14.54
CA ALA A 283 6.82 9.28 15.72
C ALA A 283 7.99 10.25 15.88
N GLN A 284 9.21 9.71 15.76
CA GLN A 284 10.42 10.54 15.90
C GLN A 284 10.49 11.60 14.81
N TYR A 285 10.17 11.20 13.59
CA TYR A 285 10.21 12.12 12.46
C TYR A 285 9.07 13.15 12.51
N ALA A 286 7.91 12.75 13.06
CA ALA A 286 6.77 13.67 13.18
C ALA A 286 7.13 14.75 14.20
N THR A 287 7.99 14.39 15.13
CA THR A 287 8.45 15.32 16.17
C THR A 287 9.57 16.23 15.64
N GLN A 288 10.53 15.62 14.95
CA GLN A 288 11.70 16.33 14.39
C GLN A 288 11.46 17.20 13.16
N ARG A 289 10.54 16.80 12.30
CA ARG A 289 10.26 17.56 11.07
C ARG A 289 9.27 18.68 11.35
N VAL A 290 9.67 19.91 11.05
CA VAL A 290 8.81 21.07 11.25
C VAL A 290 8.39 21.63 9.89
N GLN A 291 7.10 21.92 9.76
CA GLN A 291 6.53 22.52 8.55
C GLN A 291 5.49 23.53 9.01
N PHE A 292 5.49 24.69 8.37
CA PHE A 292 4.55 25.73 8.73
C PHE A 292 4.66 26.14 10.19
N GLY A 293 5.89 26.37 10.63
CA GLY A 293 6.15 26.80 12.01
C GLY A 293 5.59 25.86 13.05
N ARG A 294 5.67 24.56 12.78
CA ARG A 294 5.13 23.61 13.73
C ARG A 294 5.61 22.22 13.40
N PRO A 295 5.83 21.39 14.44
CA PRO A 295 6.30 20.02 14.20
C PRO A 295 5.07 19.37 13.58
N ILE A 296 5.26 18.75 12.42
CA ILE A 296 4.16 18.12 11.71
C ILE A 296 3.35 17.18 12.62
N GLY A 297 4.02 16.61 13.61
CA GLY A 297 3.33 15.72 14.52
C GLY A 297 2.19 16.44 15.26
N ARG A 298 2.15 17.77 15.15
CA ARG A 298 1.11 18.56 15.81
C ARG A 298 -0.01 18.98 14.86
N PHE A 299 -0.05 18.37 13.68
CA PHE A 299 -1.09 18.64 12.71
C PHE A 299 -2.16 17.56 12.80
N GLY A 300 -3.42 17.98 12.70
CA GLY A 300 -4.50 17.02 12.81
C GLY A 300 -4.36 15.77 11.95
N LEU A 301 -4.00 15.91 10.68
CA LEU A 301 -3.90 14.74 9.82
C LEU A 301 -2.74 13.82 10.17
N ILE A 302 -1.71 14.35 10.81
CA ILE A 302 -0.59 13.51 11.18
C ILE A 302 -1.00 12.74 12.44
N GLN A 303 -1.67 13.41 13.38
CA GLN A 303 -2.08 12.73 14.61
C GLN A 303 -3.05 11.59 14.29
N GLN A 304 -3.95 11.83 13.36
CA GLN A 304 -4.88 10.79 12.97
C GLN A 304 -4.11 9.50 12.62
N LYS A 305 -3.08 9.65 11.78
CA LYS A 305 -2.24 8.52 11.34
C LYS A 305 -1.55 7.85 12.53
N LEU A 306 -0.84 8.63 13.33
CA LEU A 306 -0.13 8.08 14.48
C LEU A 306 -1.08 7.36 15.44
N GLY A 307 -2.23 7.95 15.73
CA GLY A 307 -3.16 7.31 16.62
C GLY A 307 -3.69 6.00 16.04
N GLU A 308 -3.98 5.99 14.75
CA GLU A 308 -4.49 4.77 14.10
C GLU A 308 -3.43 3.69 14.12
N MET A 309 -2.18 4.07 13.85
CA MET A 309 -1.06 3.13 13.86
C MET A 309 -0.96 2.46 15.24
N ALA A 310 -0.98 3.26 16.31
CA ALA A 310 -0.87 2.71 17.66
C ALA A 310 -2.02 1.75 17.95
N SER A 311 -3.21 2.11 17.51
CA SER A 311 -4.40 1.30 17.74
C SER A 311 -4.32 -0.08 17.06
N ARG A 312 -4.03 -0.11 15.76
CA ARG A 312 -3.94 -1.39 15.05
C ARG A 312 -2.83 -2.25 15.60
N ILE A 313 -1.68 -1.64 15.88
CA ILE A 313 -0.56 -2.40 16.42
C ILE A 313 -0.99 -3.05 17.75
N TYR A 314 -1.61 -2.26 18.61
CA TYR A 314 -2.08 -2.77 19.90
C TYR A 314 -3.04 -3.97 19.68
N ALA A 315 -3.97 -3.83 18.75
CA ALA A 315 -4.90 -4.92 18.49
C ALA A 315 -4.16 -6.18 18.00
N ALA A 316 -3.25 -6.03 17.03
CA ALA A 316 -2.51 -7.18 16.53
C ALA A 316 -1.62 -7.83 17.59
N GLU A 317 -0.91 -7.01 18.36
CA GLU A 317 -0.04 -7.53 19.43
C GLU A 317 -0.85 -8.35 20.44
N SER A 318 -2.00 -7.83 20.85
CA SER A 318 -2.87 -8.51 21.80
C SER A 318 -3.30 -9.86 21.23
N ALA A 319 -3.78 -9.86 19.99
CA ALA A 319 -4.23 -11.09 19.32
C ALA A 319 -3.11 -12.12 19.20
N VAL A 320 -1.92 -11.67 18.82
CA VAL A 320 -0.80 -12.57 18.65
C VAL A 320 -0.46 -13.33 19.94
N TYR A 321 -0.20 -12.60 21.01
CA TYR A 321 0.16 -13.23 22.27
C TYR A 321 -0.99 -13.95 22.97
N ARG A 322 -2.21 -13.61 22.61
CA ARG A 322 -3.35 -14.29 23.17
C ARG A 322 -3.33 -15.67 22.50
N THR A 323 -3.02 -15.70 21.21
CA THR A 323 -2.95 -16.95 20.46
C THR A 323 -1.81 -17.81 20.98
N VAL A 324 -0.64 -17.22 21.07
CA VAL A 324 0.52 -17.96 21.56
C VAL A 324 0.29 -18.44 22.98
N GLY A 325 -0.40 -17.64 23.79
CA GLY A 325 -0.66 -18.02 25.16
C GLY A 325 -1.52 -19.28 25.21
N LEU A 326 -2.50 -19.37 24.31
CA LEU A 326 -3.35 -20.53 24.27
C LEU A 326 -2.52 -21.75 23.88
N ILE A 327 -1.65 -21.58 22.89
CA ILE A 327 -0.83 -22.70 22.46
C ILE A 327 0.03 -23.26 23.59
N ASP A 328 0.80 -22.42 24.27
CA ASP A 328 1.65 -22.90 25.35
C ASP A 328 0.83 -23.60 26.43
N GLU A 329 -0.36 -23.08 26.68
CA GLU A 329 -1.22 -23.66 27.69
C GLU A 329 -1.49 -25.11 27.32
N ALA A 330 -1.73 -25.34 26.04
CA ALA A 330 -2.02 -26.69 25.54
C ALA A 330 -0.79 -27.59 25.51
N LEU A 331 0.39 -26.99 25.32
CA LEU A 331 1.63 -27.75 25.27
C LEU A 331 2.20 -28.09 26.65
N LEU A 332 1.52 -27.65 27.71
CA LEU A 332 2.00 -27.95 29.05
C LEU A 332 2.12 -29.45 29.31
N GLY A 333 3.22 -29.86 29.94
CA GLY A 333 3.44 -31.26 30.24
C GLY A 333 3.09 -32.17 29.08
N LYS A 334 3.31 -31.67 27.88
CA LYS A 334 3.01 -32.43 26.67
C LYS A 334 4.30 -32.66 25.90
N LYS A 335 4.73 -33.91 25.81
CA LYS A 335 5.96 -34.24 25.11
C LYS A 335 5.74 -35.16 23.90
N GLY A 336 6.60 -35.04 22.89
CA GLY A 336 6.46 -35.85 21.70
C GLY A 336 6.06 -34.95 20.55
N PRO A 337 6.66 -35.13 19.36
CA PRO A 337 6.32 -34.30 18.20
C PRO A 337 4.84 -34.36 17.85
N GLU A 338 4.26 -35.55 17.97
CA GLU A 338 2.85 -35.72 17.67
C GLU A 338 1.99 -34.83 18.56
N ALA A 339 2.25 -34.91 19.86
CA ALA A 339 1.52 -34.11 20.83
C ALA A 339 1.76 -32.62 20.57
N VAL A 340 3.01 -32.25 20.30
CA VAL A 340 3.34 -30.86 20.03
C VAL A 340 2.60 -30.34 18.80
N MET A 341 2.61 -31.12 17.73
CA MET A 341 1.93 -30.73 16.50
C MET A 341 0.43 -30.62 16.73
N ALA A 342 -0.12 -31.56 17.48
CA ALA A 342 -1.55 -31.56 17.75
C ALA A 342 -1.92 -30.32 18.56
N GLY A 343 -1.12 -30.02 19.58
CA GLY A 343 -1.41 -28.86 20.42
C GLY A 343 -1.49 -27.58 19.62
N ILE A 344 -0.59 -27.48 18.65
CA ILE A 344 -0.49 -26.32 17.79
C ILE A 344 -1.60 -26.33 16.73
N GLU A 345 -1.89 -27.49 16.18
CA GLU A 345 -2.94 -27.56 15.18
C GLU A 345 -4.27 -27.10 15.77
N GLU A 346 -4.41 -27.27 17.08
CA GLU A 346 -5.61 -26.88 17.81
C GLU A 346 -6.00 -25.43 17.53
N TYR A 347 -5.00 -24.56 17.43
CA TYR A 347 -5.29 -23.15 17.17
C TYR A 347 -4.79 -22.69 15.80
N ALA A 348 -5.06 -23.49 14.78
CA ALA A 348 -4.66 -23.18 13.41
C ALA A 348 -5.42 -21.98 12.86
N VAL A 349 -6.68 -21.85 13.27
CA VAL A 349 -7.52 -20.75 12.84
C VAL A 349 -6.94 -19.48 13.47
N GLU A 350 -6.61 -19.52 14.75
CA GLU A 350 -6.05 -18.35 15.43
C GLU A 350 -4.73 -17.92 14.77
N ALA A 351 -3.93 -18.92 14.41
CA ALA A 351 -2.65 -18.70 13.75
C ALA A 351 -2.88 -17.95 12.43
N SER A 352 -3.83 -18.41 11.62
CA SER A 352 -4.13 -17.74 10.35
C SER A 352 -4.65 -16.32 10.56
N ILE A 353 -5.47 -16.12 11.59
CA ILE A 353 -6.03 -14.82 11.88
C ILE A 353 -4.97 -13.76 12.18
N ILE A 354 -4.06 -14.07 13.09
CA ILE A 354 -3.04 -13.12 13.47
C ILE A 354 -2.05 -12.87 12.33
N LYS A 355 -1.79 -13.92 11.54
CA LYS A 355 -0.90 -13.77 10.40
C LYS A 355 -1.53 -12.79 9.40
N VAL A 356 -2.83 -12.94 9.11
CA VAL A 356 -3.48 -12.01 8.18
C VAL A 356 -3.55 -10.63 8.84
N LEU A 357 -3.99 -10.59 10.09
CA LEU A 357 -4.11 -9.32 10.82
C LEU A 357 -2.77 -8.58 10.91
N GLY A 358 -1.73 -9.28 11.34
CA GLY A 358 -0.41 -8.69 11.50
C GLY A 358 0.22 -8.14 10.25
N SER A 359 0.19 -8.95 9.19
CA SER A 359 0.76 -8.56 7.91
C SER A 359 0.07 -7.29 7.42
N GLU A 360 -1.26 -7.26 7.48
CA GLU A 360 -2.03 -6.11 7.04
C GLU A 360 -1.89 -4.88 7.94
N VAL A 361 -1.73 -5.10 9.23
CA VAL A 361 -1.55 -3.97 10.13
C VAL A 361 -0.22 -3.32 9.76
N LEU A 362 0.81 -4.13 9.54
CA LEU A 362 2.13 -3.63 9.19
C LEU A 362 2.14 -2.93 7.84
N ASP A 363 1.24 -3.36 6.95
CA ASP A 363 1.13 -2.75 5.63
C ASP A 363 0.68 -1.31 5.77
N TYR A 364 -0.29 -1.09 6.66
CA TYR A 364 -0.80 0.25 6.89
C TYR A 364 0.29 1.07 7.58
N VAL A 365 0.90 0.50 8.62
CA VAL A 365 1.92 1.22 9.37
C VAL A 365 3.05 1.74 8.48
N VAL A 366 3.67 0.87 7.67
CA VAL A 366 4.76 1.31 6.78
C VAL A 366 4.27 2.27 5.69
N ASP A 367 3.01 2.10 5.25
CA ASP A 367 2.48 2.99 4.21
C ASP A 367 2.38 4.40 4.72
N GLU A 368 1.73 4.55 5.87
CA GLU A 368 1.54 5.87 6.48
C GLU A 368 2.85 6.42 7.00
N GLY A 369 3.76 5.51 7.35
CA GLY A 369 5.07 5.92 7.81
C GLY A 369 5.75 6.68 6.69
N VAL A 370 5.67 6.15 5.46
CA VAL A 370 6.28 6.82 4.31
C VAL A 370 5.59 8.17 4.13
N GLN A 371 4.25 8.16 4.22
CA GLN A 371 3.49 9.38 4.04
C GLN A 371 3.95 10.49 4.98
N ILE A 372 4.14 10.17 6.27
CA ILE A 372 4.60 11.13 7.26
C ILE A 372 5.98 11.74 6.90
N HIS A 373 6.84 10.93 6.28
CA HIS A 373 8.18 11.40 5.85
C HIS A 373 8.12 12.21 4.56
N GLY A 374 6.98 12.26 3.90
CA GLY A 374 6.87 13.01 2.65
C GLY A 374 7.87 12.47 1.62
N GLY A 375 8.46 13.35 0.80
CA GLY A 375 9.41 12.88 -0.19
C GLY A 375 10.56 12.06 0.37
N TYR A 376 10.92 12.36 1.60
CA TYR A 376 12.00 11.66 2.28
C TYR A 376 11.69 10.19 2.52
N GLY A 377 10.38 9.85 2.56
CA GLY A 377 9.98 8.47 2.80
C GLY A 377 10.19 7.64 1.55
N TYR A 378 10.59 8.33 0.49
CA TYR A 378 10.84 7.76 -0.82
C TYR A 378 12.36 7.70 -1.11
N SER A 379 13.17 8.06 -0.11
CA SER A 379 14.63 8.05 -0.26
C SER A 379 15.24 6.83 0.40
N GLN A 380 16.24 6.26 -0.27
CA GLN A 380 16.93 5.09 0.25
C GLN A 380 17.75 5.46 1.49
N GLU A 381 17.91 6.75 1.75
CA GLU A 381 18.68 7.21 2.92
C GLU A 381 17.85 7.10 4.20
N TYR A 382 16.53 6.97 4.04
CA TYR A 382 15.65 6.85 5.20
C TYR A 382 15.19 5.41 5.37
N PRO A 383 15.38 4.85 6.59
CA PRO A 383 15.00 3.47 6.92
C PRO A 383 13.52 3.13 6.62
N ILE A 384 12.64 4.13 6.66
CA ILE A 384 11.21 3.89 6.39
C ILE A 384 11.00 3.40 4.95
N GLU A 385 11.86 3.86 4.04
CA GLU A 385 11.80 3.48 2.63
C GLU A 385 12.06 1.98 2.51
N ARG A 386 13.04 1.48 3.26
CA ARG A 386 13.33 0.05 3.21
C ARG A 386 12.22 -0.74 3.89
N ALA A 387 11.63 -0.18 4.94
CA ALA A 387 10.56 -0.90 5.65
C ALA A 387 9.34 -1.14 4.75
N TYR A 388 9.00 -0.13 3.94
CA TYR A 388 7.87 -0.20 3.00
C TYR A 388 8.07 -1.32 1.97
N ARG A 389 9.27 -1.44 1.43
CA ARG A 389 9.52 -2.50 0.45
C ARG A 389 9.57 -3.86 1.13
N ASP A 390 10.21 -3.94 2.29
CA ASP A 390 10.34 -5.21 3.00
C ASP A 390 9.01 -5.78 3.50
N ALA A 391 8.06 -4.89 3.79
CA ALA A 391 6.78 -5.33 4.33
C ALA A 391 5.83 -5.97 3.31
N ARG A 392 6.02 -5.66 2.03
CA ARG A 392 5.16 -6.16 0.96
C ARG A 392 5.13 -7.70 0.81
N ILE A 393 6.25 -8.34 1.11
CA ILE A 393 6.33 -9.78 0.98
C ILE A 393 5.50 -10.52 2.05
N ASN A 394 5.17 -9.86 3.16
CA ASN A 394 4.43 -10.54 4.22
C ASN A 394 3.03 -11.04 3.85
N ARG A 395 2.33 -10.34 2.97
CA ARG A 395 0.99 -10.78 2.58
C ARG A 395 1.05 -11.98 1.64
N ILE A 396 2.24 -12.49 1.41
CA ILE A 396 2.41 -13.64 0.53
C ILE A 396 2.91 -14.84 1.30
N PHE A 397 3.84 -14.59 2.23
CA PHE A 397 4.42 -15.62 3.09
C PHE A 397 3.37 -16.35 3.91
N GLU A 398 3.69 -17.58 4.30
CA GLU A 398 2.83 -18.43 5.13
C GLU A 398 1.44 -18.56 4.52
N GLY A 399 1.42 -18.66 3.19
CA GLY A 399 0.17 -18.72 2.49
C GLY A 399 -0.23 -17.28 2.30
N THR A 400 -0.66 -16.94 1.10
CA THR A 400 -1.09 -15.58 0.80
C THR A 400 -2.26 -15.30 1.76
N ASN A 401 -2.66 -14.03 1.88
CA ASN A 401 -3.77 -13.66 2.75
C ASN A 401 -5.11 -14.16 2.18
N GLU A 402 -5.15 -14.42 0.87
CA GLU A 402 -6.35 -14.96 0.27
C GLU A 402 -6.55 -16.40 0.76
N ILE A 403 -5.51 -17.22 0.65
CA ILE A 403 -5.57 -18.62 1.09
C ILE A 403 -5.90 -18.68 2.60
N ASN A 404 -5.34 -17.78 3.40
CA ASN A 404 -5.62 -17.77 4.83
C ASN A 404 -7.04 -17.33 5.13
N ARG A 405 -7.58 -16.40 4.33
CA ARG A 405 -8.96 -15.94 4.53
C ARG A 405 -9.94 -17.08 4.19
N LEU A 406 -9.51 -18.01 3.32
CA LEU A 406 -10.36 -19.14 2.94
C LEU A 406 -10.32 -20.24 4.02
N LEU A 407 -9.22 -20.31 4.76
CA LEU A 407 -9.04 -21.32 5.81
C LEU A 407 -9.69 -20.97 7.15
N ILE A 408 -9.65 -19.68 7.49
CA ILE A 408 -10.19 -19.19 8.75
C ILE A 408 -11.64 -19.61 8.96
N PRO A 409 -12.49 -19.42 7.94
CA PRO A 409 -13.89 -19.80 8.10
C PRO A 409 -14.06 -21.33 8.12
N GLY A 410 -13.08 -22.03 7.52
CA GLY A 410 -13.12 -23.49 7.45
C GLY A 410 -13.73 -24.19 8.65
N MET A 411 -13.13 -23.97 9.82
CA MET A 411 -13.58 -24.57 11.07
C MET A 411 -14.89 -23.94 11.56
N LEU A 412 -15.75 -23.58 10.62
CA LEU A 412 -17.03 -22.96 10.96
C LEU A 412 -18.12 -23.54 10.07
N LEU A 413 -17.70 -24.08 8.93
CA LEU A 413 -18.63 -24.69 8.00
C LEU A 413 -18.35 -26.19 7.84
N ARG A 414 -18.89 -26.98 8.78
CA ARG A 414 -18.71 -28.42 8.79
C ARG A 414 -17.24 -28.84 8.76
N ARG A 415 -16.46 -28.35 9.72
CA ARG A 415 -15.04 -28.67 9.82
C ARG A 415 -14.41 -27.96 11.02
N GLU A 443 -23.42 -3.92 32.49
CA GLU A 443 -22.85 -4.67 31.34
C GLU A 443 -21.88 -3.81 30.52
N ASP A 444 -20.97 -4.47 29.80
CA ASP A 444 -19.99 -3.75 28.98
C ASP A 444 -20.46 -3.64 27.55
N LEU A 445 -20.83 -2.44 27.14
CA LEU A 445 -21.32 -2.19 25.80
C LEU A 445 -20.34 -2.63 24.71
N GLU A 446 -19.05 -2.37 24.94
CA GLU A 446 -18.02 -2.74 23.97
C GLU A 446 -17.91 -4.25 23.87
N LEU A 447 -17.94 -4.94 25.00
CA LEU A 447 -17.86 -6.39 25.00
C LEU A 447 -19.08 -7.00 24.32
N HIS A 448 -20.24 -6.38 24.55
CA HIS A 448 -21.50 -6.82 23.96
C HIS A 448 -21.37 -6.75 22.43
N GLN A 449 -20.86 -5.63 21.94
CA GLN A 449 -20.69 -5.45 20.51
C GLN A 449 -19.73 -6.49 19.95
N VAL A 450 -18.75 -6.91 20.75
CA VAL A 450 -17.80 -7.91 20.30
C VAL A 450 -18.52 -9.24 20.14
N GLN A 451 -19.42 -9.52 21.07
CA GLN A 451 -20.20 -10.76 21.01
C GLN A 451 -21.12 -10.68 19.80
N ASN A 452 -21.60 -9.48 19.48
CA ASN A 452 -22.48 -9.31 18.33
C ASN A 452 -21.68 -9.59 17.04
N LEU A 453 -20.40 -9.25 17.05
CA LEU A 453 -19.57 -9.51 15.87
C LEU A 453 -19.50 -11.00 15.63
N LYS A 454 -19.40 -11.76 16.72
CA LYS A 454 -19.31 -13.21 16.62
C LYS A 454 -20.59 -13.76 15.99
N LYS A 455 -21.73 -13.28 16.47
CA LYS A 455 -23.03 -13.71 15.97
C LYS A 455 -23.21 -13.42 14.49
N LEU A 456 -22.72 -12.25 14.05
CA LEU A 456 -22.82 -11.87 12.64
C LEU A 456 -22.06 -12.86 11.77
N ALA A 457 -20.87 -13.25 12.24
CA ALA A 457 -20.03 -14.22 11.51
C ALA A 457 -20.79 -15.54 11.37
N LEU A 458 -21.30 -16.04 12.49
CA LEU A 458 -22.06 -17.30 12.46
C LEU A 458 -23.27 -17.18 11.53
N MET A 459 -24.00 -16.08 11.66
CA MET A 459 -25.17 -15.83 10.83
C MET A 459 -24.85 -15.91 9.34
N VAL A 460 -23.91 -15.08 8.90
CA VAL A 460 -23.55 -15.08 7.49
C VAL A 460 -23.01 -16.46 7.09
N ALA A 461 -22.22 -17.05 7.95
CA ALA A 461 -21.65 -18.36 7.67
C ALA A 461 -22.78 -19.39 7.45
N GLY A 462 -23.75 -19.39 8.36
CA GLY A 462 -24.88 -20.31 8.27
C GLY A 462 -25.68 -20.13 6.99
N LEU A 463 -26.07 -18.88 6.73
CA LEU A 463 -26.83 -18.56 5.53
C LEU A 463 -26.08 -19.02 4.29
N ALA A 464 -24.75 -18.94 4.31
CA ALA A 464 -23.98 -19.37 3.16
C ALA A 464 -24.12 -20.87 2.96
N VAL A 465 -23.94 -21.63 4.03
CA VAL A 465 -24.04 -23.07 3.97
C VAL A 465 -25.45 -23.54 3.62
N GLN A 466 -26.46 -22.91 4.21
CA GLN A 466 -27.86 -23.28 3.97
C GLN A 466 -28.31 -22.81 2.59
N LYS A 467 -27.37 -22.65 1.67
CA LYS A 467 -27.70 -22.20 0.33
C LYS A 467 -26.78 -22.81 -0.71
N TYR A 468 -25.55 -23.10 -0.30
CA TYR A 468 -24.56 -23.67 -1.21
C TYR A 468 -24.11 -25.06 -0.75
N GLY A 469 -24.44 -25.39 0.49
CA GLY A 469 -24.09 -26.68 1.04
C GLY A 469 -22.65 -27.12 0.79
N GLN A 470 -22.50 -28.21 0.05
CA GLN A 470 -21.19 -28.76 -0.25
C GLN A 470 -20.26 -27.80 -0.98
N GLY A 471 -20.77 -27.14 -2.01
CA GLY A 471 -19.96 -26.23 -2.77
C GLY A 471 -19.86 -24.83 -2.19
N VAL A 472 -19.79 -24.73 -0.87
CA VAL A 472 -19.70 -23.42 -0.21
C VAL A 472 -18.28 -22.83 -0.36
N GLU A 473 -17.28 -23.69 -0.54
CA GLU A 473 -15.91 -23.20 -0.68
C GLU A 473 -15.70 -22.47 -1.99
N GLU A 474 -16.66 -22.57 -2.91
CA GLU A 474 -16.56 -21.88 -4.19
C GLU A 474 -16.87 -20.41 -3.99
N GLU A 475 -17.70 -20.10 -3.01
CA GLU A 475 -18.06 -18.73 -2.72
C GLU A 475 -16.97 -18.03 -1.91
N GLN A 476 -15.78 -17.94 -2.50
CA GLN A 476 -14.63 -17.34 -1.86
C GLN A 476 -14.88 -15.93 -1.34
N GLU A 477 -15.59 -15.10 -2.10
CA GLU A 477 -15.85 -13.75 -1.65
C GLU A 477 -16.68 -13.79 -0.37
N VAL A 478 -17.62 -14.74 -0.30
CA VAL A 478 -18.46 -14.87 0.91
C VAL A 478 -17.64 -15.30 2.10
N LEU A 479 -16.76 -16.28 1.89
CA LEU A 479 -15.88 -16.79 2.94
C LEU A 479 -14.96 -15.67 3.42
N GLY A 480 -14.48 -14.88 2.47
CA GLY A 480 -13.59 -13.78 2.80
C GLY A 480 -14.24 -12.80 3.76
N ALA A 481 -15.47 -12.38 3.44
CA ALA A 481 -16.21 -11.45 4.29
C ALA A 481 -16.36 -12.06 5.68
N VAL A 482 -16.63 -13.35 5.73
CA VAL A 482 -16.79 -14.05 7.00
C VAL A 482 -15.46 -13.97 7.73
N ALA A 483 -14.39 -14.32 7.05
CA ALA A 483 -13.08 -14.28 7.68
C ALA A 483 -12.73 -12.91 8.25
N ASP A 484 -13.07 -11.83 7.53
CA ASP A 484 -12.75 -10.48 7.99
C ASP A 484 -13.47 -10.13 9.28
N ILE A 485 -14.71 -10.56 9.40
CA ILE A 485 -15.48 -10.32 10.61
C ILE A 485 -14.85 -11.13 11.73
N LEU A 486 -14.45 -12.36 11.44
CA LEU A 486 -13.83 -13.21 12.47
C LEU A 486 -12.52 -12.61 12.97
N ILE A 487 -11.71 -12.11 12.03
CA ILE A 487 -10.44 -11.49 12.37
C ILE A 487 -10.68 -10.28 13.27
N ASP A 488 -11.60 -9.41 12.87
CA ASP A 488 -11.90 -8.24 13.69
C ASP A 488 -12.49 -8.64 15.04
N ALA A 489 -13.35 -9.66 15.05
CA ALA A 489 -13.94 -10.11 16.31
C ALA A 489 -12.84 -10.52 17.27
N TYR A 490 -12.00 -11.45 16.81
CA TYR A 490 -10.92 -11.95 17.62
C TYR A 490 -9.99 -10.81 18.06
N ALA A 491 -9.64 -9.96 17.10
CA ALA A 491 -8.76 -8.83 17.35
C ALA A 491 -9.40 -7.87 18.35
N ALA A 492 -10.65 -7.51 18.11
CA ALA A 492 -11.35 -6.58 19.00
C ALA A 492 -11.44 -7.13 20.42
N GLU A 493 -11.82 -8.40 20.55
CA GLU A 493 -11.93 -9.00 21.88
C GLU A 493 -10.58 -9.07 22.60
N SER A 494 -9.51 -9.39 21.87
CA SER A 494 -8.19 -9.46 22.49
C SER A 494 -7.82 -8.09 23.03
N ALA A 495 -8.05 -7.06 22.22
CA ALA A 495 -7.74 -5.68 22.61
C ALA A 495 -8.55 -5.26 23.83
N LEU A 496 -9.85 -5.52 23.78
CA LEU A 496 -10.71 -5.13 24.91
C LEU A 496 -10.35 -5.82 26.21
N LEU A 497 -10.43 -7.14 26.21
CA LEU A 497 -10.13 -7.93 27.39
C LEU A 497 -8.81 -7.50 27.99
N ARG A 498 -7.80 -7.32 27.16
CA ARG A 498 -6.51 -6.90 27.67
C ARG A 498 -6.58 -5.47 28.21
N ALA A 499 -7.38 -4.62 27.57
CA ALA A 499 -7.52 -3.23 27.99
C ALA A 499 -8.11 -3.09 29.40
N ARG A 500 -9.01 -4.01 29.74
CA ARG A 500 -9.62 -4.00 31.06
C ARG A 500 -8.59 -4.32 32.13
N ARG A 501 -7.61 -5.15 31.78
CA ARG A 501 -6.57 -5.52 32.73
C ARG A 501 -5.44 -4.49 32.78
N LEU A 502 -5.09 -3.96 31.62
CA LEU A 502 -4.00 -3.01 31.52
C LEU A 502 -4.38 -1.58 31.93
N GLY A 503 -5.53 -1.10 31.46
CA GLY A 503 -5.93 0.25 31.80
C GLY A 503 -5.08 1.27 31.07
N GLY A 504 -5.10 2.51 31.53
CA GLY A 504 -4.33 3.56 30.91
C GLY A 504 -4.80 3.90 29.50
N LEU A 505 -3.88 3.92 28.54
CA LEU A 505 -4.24 4.25 27.16
C LEU A 505 -4.87 3.08 26.43
N ALA A 506 -4.57 1.87 26.90
CA ALA A 506 -5.09 0.67 26.27
C ALA A 506 -6.58 0.78 25.89
N PRO A 507 -7.47 1.09 26.84
CA PRO A 507 -8.89 1.20 26.49
C PRO A 507 -9.17 2.08 25.27
N VAL A 508 -8.49 3.22 25.17
CA VAL A 508 -8.66 4.13 24.05
C VAL A 508 -8.27 3.42 22.73
N LEU A 509 -7.09 2.80 22.71
CA LEU A 509 -6.63 2.09 21.51
C LEU A 509 -7.60 0.99 21.10
N ALA A 510 -8.24 0.36 22.07
CA ALA A 510 -9.19 -0.69 21.78
C ALA A 510 -10.48 -0.09 21.21
N ARG A 511 -10.94 1.01 21.81
CA ARG A 511 -12.18 1.67 21.37
C ARG A 511 -12.04 2.14 19.92
N ILE A 512 -10.85 2.60 19.58
CA ILE A 512 -10.59 3.06 18.25
C ILE A 512 -10.73 1.89 17.26
N TYR A 513 -10.16 0.74 17.63
CA TYR A 513 -10.20 -0.42 16.76
C TYR A 513 -11.60 -0.99 16.60
N LEU A 514 -12.26 -1.20 17.74
CA LEU A 514 -13.62 -1.72 17.74
C LEU A 514 -14.56 -0.86 16.93
N ALA A 515 -14.46 0.46 17.07
CA ALA A 515 -15.35 1.35 16.31
C ALA A 515 -15.32 1.06 14.83
N GLN A 516 -14.11 0.95 14.29
CA GLN A 516 -13.94 0.70 12.86
C GLN A 516 -14.23 -0.74 12.50
N ALA A 517 -13.99 -1.67 13.43
CA ALA A 517 -14.29 -3.08 13.17
C ALA A 517 -15.79 -3.18 12.96
N LEU A 518 -16.57 -2.41 13.70
CA LEU A 518 -18.02 -2.44 13.56
C LEU A 518 -18.45 -1.91 12.19
N ASP A 519 -17.77 -0.85 11.74
CA ASP A 519 -18.04 -0.26 10.43
C ASP A 519 -17.79 -1.29 9.33
N ARG A 520 -16.66 -1.98 9.41
CA ARG A 520 -16.31 -2.97 8.39
C ARG A 520 -17.28 -4.15 8.41
N ALA A 521 -17.65 -4.60 9.60
CA ALA A 521 -18.57 -5.72 9.73
C ALA A 521 -19.89 -5.45 9.00
N GLN A 522 -20.55 -4.34 9.31
CA GLN A 522 -21.82 -4.00 8.67
C GLN A 522 -21.66 -3.96 7.14
N ALA A 523 -20.65 -3.23 6.66
CA ALA A 523 -20.42 -3.11 5.24
C ALA A 523 -20.07 -4.44 4.60
N GLY A 524 -19.21 -5.22 5.26
CA GLY A 524 -18.83 -6.51 4.71
C GLY A 524 -20.01 -7.47 4.63
N ALA A 525 -20.87 -7.44 5.65
CA ALA A 525 -22.03 -8.34 5.66
C ALA A 525 -23.03 -7.91 4.60
N LEU A 526 -23.25 -6.62 4.48
CA LEU A 526 -24.20 -6.13 3.49
C LEU A 526 -23.67 -6.26 2.06
N SER A 527 -22.38 -6.54 1.90
CA SER A 527 -21.86 -6.68 0.55
C SER A 527 -21.95 -8.12 0.06
N VAL A 528 -22.16 -9.05 0.99
CA VAL A 528 -22.23 -10.46 0.62
C VAL A 528 -23.59 -11.09 0.92
N LEU A 529 -24.34 -10.53 1.86
CA LEU A 529 -25.64 -11.07 2.21
C LEU A 529 -26.60 -11.14 1.01
N PRO A 530 -26.61 -10.10 0.16
CA PRO A 530 -27.51 -10.13 -1.00
C PRO A 530 -27.27 -11.35 -1.89
N ARG A 531 -26.10 -11.97 -1.71
CA ARG A 531 -25.70 -13.14 -2.48
C ARG A 531 -26.22 -14.42 -1.84
N LEU A 532 -26.65 -14.31 -0.58
CA LEU A 532 -27.13 -15.48 0.15
C LEU A 532 -28.64 -15.54 0.32
N VAL A 533 -29.31 -14.41 0.20
CA VAL A 533 -30.76 -14.38 0.34
C VAL A 533 -31.45 -13.35 -0.53
N GLU A 534 -32.76 -13.50 -0.68
CA GLU A 534 -33.56 -12.58 -1.49
C GLU A 534 -35.04 -12.63 -1.09
N GLY A 535 -35.86 -11.89 -1.84
CA GLY A 535 -37.28 -11.85 -1.54
C GLY A 535 -37.56 -11.12 -0.23
N ASP A 536 -38.47 -11.67 0.56
CA ASP A 536 -38.84 -11.06 1.83
C ASP A 536 -38.06 -11.70 2.99
N GLU A 537 -37.67 -12.96 2.79
CA GLU A 537 -36.94 -13.69 3.81
C GLU A 537 -35.61 -13.01 4.07
N ALA A 538 -35.20 -12.16 3.14
CA ALA A 538 -33.95 -11.43 3.24
C ALA A 538 -34.16 -10.12 3.98
N ARG A 539 -35.36 -9.57 3.87
CA ARG A 539 -35.66 -8.31 4.53
C ARG A 539 -35.32 -8.39 6.02
N VAL A 540 -35.74 -9.47 6.67
CA VAL A 540 -35.48 -9.64 8.09
C VAL A 540 -34.00 -9.92 8.34
N VAL A 541 -33.34 -10.53 7.34
CA VAL A 541 -31.93 -10.86 7.44
C VAL A 541 -31.10 -9.59 7.51
N TYR A 542 -31.37 -8.66 6.62
CA TYR A 542 -30.64 -7.40 6.59
C TYR A 542 -30.83 -6.64 7.90
N SER A 543 -32.08 -6.59 8.36
CA SER A 543 -32.40 -5.90 9.60
C SER A 543 -31.63 -6.54 10.75
N ALA A 544 -31.57 -7.87 10.75
CA ALA A 544 -30.87 -8.61 11.78
C ALA A 544 -29.40 -8.20 11.80
N ALA A 545 -28.87 -7.94 10.61
CA ALA A 545 -27.49 -7.52 10.48
C ALA A 545 -27.32 -6.12 11.06
N ARG A 546 -28.17 -5.18 10.62
CA ARG A 546 -28.13 -3.81 11.10
C ARG A 546 -28.16 -3.79 12.62
N ARG A 547 -28.92 -4.72 13.20
CA ARG A 547 -29.05 -4.79 14.64
C ARG A 547 -27.80 -5.41 15.27
N LEU A 548 -27.26 -6.45 14.63
CA LEU A 548 -26.06 -7.10 15.15
C LEU A 548 -24.84 -6.20 15.10
N THR A 549 -24.93 -5.10 14.36
CA THR A 549 -23.79 -4.20 14.25
C THR A 549 -24.12 -2.79 14.74
N LYS A 550 -25.21 -2.68 15.50
CA LYS A 550 -25.64 -1.40 16.03
C LYS A 550 -24.73 -0.89 17.14
N ARG A 551 -24.57 0.42 17.19
CA ARG A 551 -23.73 1.04 18.21
C ARG A 551 -23.72 2.55 18.12
N GLU A 552 -23.29 3.19 19.20
CA GLU A 552 -23.19 4.65 19.23
C GLU A 552 -21.84 5.08 18.69
N PRO A 553 -21.83 6.14 17.87
CA PRO A 553 -20.60 6.66 17.28
C PRO A 553 -19.64 7.25 18.31
N GLY A 554 -18.37 6.88 18.18
CA GLY A 554 -17.35 7.36 19.09
C GLY A 554 -16.59 8.54 18.49
N ASP A 555 -15.92 9.32 19.34
CA ASP A 555 -15.18 10.48 18.86
C ASP A 555 -13.78 10.06 18.40
N LEU A 556 -13.72 9.45 17.22
CA LEU A 556 -12.45 8.98 16.66
C LEU A 556 -11.45 10.12 16.54
N VAL A 557 -11.94 11.35 16.39
CA VAL A 557 -11.04 12.48 16.30
C VAL A 557 -10.28 12.66 17.62
N ALA A 558 -11.04 12.77 18.72
CA ALA A 558 -10.43 12.95 20.04
C ALA A 558 -9.58 11.78 20.48
N LEU A 559 -10.12 10.57 20.32
CA LEU A 559 -9.41 9.37 20.73
C LEU A 559 -8.08 9.25 19.97
N ARG A 560 -8.14 9.36 18.65
CA ARG A 560 -6.96 9.25 17.83
C ARG A 560 -5.88 10.28 18.25
N ARG A 561 -6.30 11.52 18.54
CA ARG A 561 -5.31 12.51 18.95
C ARG A 561 -4.67 12.16 20.28
N GLN A 562 -5.49 11.68 21.22
CA GLN A 562 -5.00 11.29 22.54
C GLN A 562 -3.90 10.23 22.39
N ALA A 563 -4.13 9.26 21.50
CA ALA A 563 -3.15 8.21 21.27
C ALA A 563 -1.91 8.79 20.58
N ALA A 564 -2.15 9.78 19.72
CA ALA A 564 -1.08 10.44 19.00
C ALA A 564 -0.16 11.15 19.99
N GLU A 565 -0.75 11.87 20.94
CA GLU A 565 0.05 12.58 21.95
C GLU A 565 0.93 11.58 22.72
N ALA A 566 0.35 10.44 23.08
CA ALA A 566 1.08 9.41 23.82
C ALA A 566 2.23 8.88 22.96
N VAL A 567 1.97 8.68 21.68
CA VAL A 567 2.96 8.19 20.73
C VAL A 567 4.16 9.14 20.65
N LEU A 568 3.89 10.41 20.39
CA LEU A 568 4.96 11.41 20.26
C LEU A 568 5.74 11.53 21.54
N GLU A 569 5.02 11.45 22.65
CA GLU A 569 5.63 11.51 23.97
C GLU A 569 6.55 10.31 24.19
N ALA A 570 6.18 9.14 23.69
CA ALA A 570 7.03 7.97 23.88
C ALA A 570 8.00 7.74 22.72
N GLY A 571 7.79 8.45 21.62
CA GLY A 571 8.67 8.27 20.47
C GLY A 571 8.37 6.94 19.78
N GLY A 572 7.12 6.48 19.84
CA GLY A 572 6.74 5.22 19.22
C GLY A 572 5.55 4.55 19.88
N TYR A 573 5.55 3.22 19.94
CA TYR A 573 4.46 2.49 20.59
C TYR A 573 4.34 3.04 22.02
N PRO A 574 3.16 3.58 22.40
CA PRO A 574 2.92 4.15 23.74
C PRO A 574 2.67 3.18 24.89
N ILE A 575 2.59 1.89 24.59
CA ILE A 575 2.37 0.87 25.61
C ILE A 575 3.73 0.40 26.12
N PRO A 576 4.06 0.73 27.38
CA PRO A 576 5.34 0.34 28.00
C PRO A 576 5.58 -1.16 28.12
N ARG A 577 6.86 -1.54 28.15
CA ARG A 577 7.23 -2.94 28.28
C ARG A 577 7.02 -3.39 29.73
N LYS B 5 -22.40 32.02 -17.90
CA LYS B 5 -21.96 31.58 -16.54
C LYS B 5 -23.09 30.87 -15.79
N LYS B 6 -23.33 29.60 -16.12
CA LYS B 6 -24.39 28.83 -15.47
C LYS B 6 -24.04 28.54 -14.02
N LEU B 7 -24.99 27.97 -13.29
CA LEU B 7 -24.78 27.66 -11.88
C LEU B 7 -23.91 26.42 -11.69
N TRP B 8 -24.23 25.36 -12.43
CA TRP B 8 -23.49 24.11 -12.30
C TRP B 8 -22.13 24.14 -13.00
N GLN B 9 -22.04 24.88 -14.11
CA GLN B 9 -20.79 24.97 -14.85
C GLN B 9 -19.65 25.53 -14.01
N LYS B 10 -19.94 26.55 -13.22
CA LYS B 10 -18.95 27.19 -12.36
C LYS B 10 -18.22 26.15 -11.51
N GLY B 11 -17.04 26.53 -11.01
CA GLY B 11 -16.27 25.62 -10.17
C GLY B 11 -17.02 25.27 -8.91
N GLY B 12 -17.34 23.99 -8.74
CA GLY B 12 -18.06 23.55 -7.57
C GLY B 12 -19.57 23.61 -7.75
N GLY B 13 -19.99 24.00 -8.95
CA GLY B 13 -21.41 24.09 -9.23
C GLY B 13 -22.13 22.76 -9.15
N TRP B 14 -21.41 21.68 -9.40
CA TRP B 14 -21.98 20.34 -9.35
C TRP B 14 -22.45 20.01 -7.94
N LEU B 15 -22.08 20.87 -6.99
CA LEU B 15 -22.45 20.65 -5.61
C LEU B 15 -23.88 21.10 -5.30
N LEU B 16 -24.35 22.13 -5.99
CA LEU B 16 -25.70 22.63 -5.76
C LEU B 16 -26.67 22.14 -6.83
N GLU B 17 -26.18 22.01 -8.06
CA GLU B 17 -27.03 21.53 -9.16
C GLU B 17 -26.41 20.35 -9.88
N VAL B 18 -27.22 19.68 -10.69
CA VAL B 18 -26.76 18.54 -11.46
C VAL B 18 -26.24 19.04 -12.80
N PRO B 19 -25.11 18.51 -13.27
CA PRO B 19 -24.55 18.94 -14.55
C PRO B 19 -25.41 18.53 -15.75
N GLU B 20 -25.53 19.43 -16.72
CA GLU B 20 -26.34 19.16 -17.92
C GLU B 20 -25.60 18.22 -18.87
N ARG B 21 -24.29 18.17 -18.74
CA ARG B 21 -23.48 17.30 -19.57
C ARG B 21 -22.11 17.11 -18.97
N VAL B 22 -21.44 16.04 -19.37
CA VAL B 22 -20.10 15.74 -18.89
C VAL B 22 -19.25 15.26 -20.06
N TYR B 23 -18.00 15.72 -20.11
CA TYR B 23 -17.08 15.31 -21.16
C TYR B 23 -16.55 13.93 -20.77
N THR B 24 -16.76 12.94 -21.63
CA THR B 24 -16.32 11.58 -21.36
C THR B 24 -15.23 11.16 -22.36
N PRO B 25 -14.55 10.04 -22.07
CA PRO B 25 -13.48 9.53 -22.93
C PRO B 25 -13.99 9.22 -24.34
N GLU B 26 -15.22 8.71 -24.46
CA GLU B 26 -15.77 8.42 -25.77
C GLU B 26 -16.18 9.69 -26.51
N ASP B 27 -15.91 10.85 -25.90
CA ASP B 27 -16.23 12.13 -26.54
C ASP B 27 -14.96 12.72 -27.16
N PHE B 28 -13.89 11.92 -27.19
CA PHE B 28 -12.62 12.36 -27.74
C PHE B 28 -12.74 12.56 -29.25
N ASP B 29 -12.46 13.76 -29.75
CA ASP B 29 -12.54 13.97 -31.19
C ASP B 29 -11.30 13.34 -31.80
N GLU B 30 -11.36 13.02 -33.09
CA GLU B 30 -10.26 12.38 -33.79
C GLU B 30 -8.86 12.95 -33.52
N SER B 31 -8.78 14.25 -33.29
CA SER B 31 -7.53 14.90 -33.01
C SER B 31 -6.89 14.33 -31.75
N VAL B 32 -7.69 14.17 -30.69
CA VAL B 32 -7.21 13.62 -29.43
C VAL B 32 -6.85 12.16 -29.62
N LYS B 33 -7.71 11.42 -30.30
CA LYS B 33 -7.47 9.99 -30.52
C LYS B 33 -6.22 9.78 -31.35
N GLU B 34 -5.81 10.84 -32.04
CA GLU B 34 -4.62 10.80 -32.90
C GLU B 34 -3.35 10.89 -32.06
N ILE B 35 -3.21 11.98 -31.32
CA ILE B 35 -2.02 12.16 -30.51
C ILE B 35 -1.87 11.02 -29.52
N ALA B 36 -2.98 10.52 -28.98
CA ALA B 36 -2.94 9.42 -28.04
C ALA B 36 -2.24 8.24 -28.69
N ARG B 37 -2.58 7.97 -29.94
CA ARG B 37 -1.99 6.86 -30.67
C ARG B 37 -0.49 7.09 -30.87
N THR B 38 -0.12 8.34 -31.17
CA THR B 38 1.27 8.73 -31.37
C THR B 38 2.07 8.43 -30.11
N THR B 39 1.52 8.84 -28.97
CA THR B 39 2.15 8.62 -27.68
C THR B 39 2.31 7.12 -27.43
N ARG B 40 1.25 6.35 -27.66
CA ARG B 40 1.32 4.90 -27.46
C ARG B 40 2.44 4.30 -28.31
N THR B 41 2.63 4.82 -29.52
CA THR B 41 3.66 4.32 -30.42
C THR B 41 5.04 4.72 -29.88
N PHE B 42 5.16 5.97 -29.50
CA PHE B 42 6.39 6.52 -28.94
C PHE B 42 6.88 5.70 -27.75
N VAL B 43 5.94 5.26 -26.91
CA VAL B 43 6.26 4.49 -25.71
C VAL B 43 6.71 3.07 -26.03
N GLU B 44 5.91 2.39 -26.83
CA GLU B 44 6.24 1.01 -27.16
C GLU B 44 7.53 0.87 -27.96
N ARG B 45 7.82 1.81 -28.86
CA ARG B 45 9.02 1.68 -29.67
C ARG B 45 10.25 2.49 -29.25
N GLU B 46 10.05 3.59 -28.56
CA GLU B 46 11.18 4.43 -28.15
C GLU B 46 11.53 4.32 -26.66
N VAL B 47 10.61 4.71 -25.80
CA VAL B 47 10.84 4.69 -24.37
C VAL B 47 11.01 3.34 -23.70
N LEU B 48 10.03 2.47 -23.85
CA LEU B 48 10.07 1.15 -23.25
C LEU B 48 11.35 0.35 -23.52
N PRO B 49 11.82 0.36 -24.77
CA PRO B 49 13.04 -0.37 -25.13
C PRO B 49 14.29 0.06 -24.34
N LEU B 50 14.27 1.29 -23.84
CA LEU B 50 15.40 1.84 -23.10
C LEU B 50 15.17 1.91 -21.58
N LEU B 51 13.95 1.62 -21.14
CA LEU B 51 13.60 1.67 -19.73
C LEU B 51 14.59 0.97 -18.78
N GLU B 52 14.95 -0.26 -19.12
CA GLU B 52 15.86 -1.06 -18.30
C GLU B 52 17.21 -0.36 -18.13
N ARG B 53 17.79 0.12 -19.22
CA ARG B 53 19.08 0.80 -19.15
C ARG B 53 18.98 2.09 -18.34
N MET B 54 17.88 2.81 -18.49
CA MET B 54 17.71 4.05 -17.74
C MET B 54 17.50 3.80 -16.25
N GLU B 55 16.90 2.66 -15.94
CA GLU B 55 16.62 2.30 -14.55
C GLU B 55 17.92 1.75 -13.91
N HIS B 56 18.96 1.67 -14.72
CA HIS B 56 20.23 1.15 -14.25
C HIS B 56 21.39 2.09 -14.48
N GLY B 57 21.12 3.39 -14.38
CA GLY B 57 22.17 4.35 -14.53
C GLY B 57 22.13 5.32 -15.69
N GLU B 58 21.99 4.81 -16.92
CA GLU B 58 21.98 5.65 -18.11
C GLU B 58 20.84 6.67 -18.21
N LEU B 59 20.78 7.55 -17.22
CA LEU B 59 19.75 8.57 -17.17
C LEU B 59 19.88 9.59 -18.30
N GLU B 60 21.07 9.66 -18.90
CA GLU B 60 21.27 10.61 -19.98
C GLU B 60 20.45 10.25 -21.22
N LEU B 61 19.91 9.03 -21.24
CA LEU B 61 19.09 8.59 -22.36
C LEU B 61 17.81 9.42 -22.40
N ASN B 62 17.51 10.13 -21.31
CA ASN B 62 16.33 11.00 -21.23
C ASN B 62 16.45 12.13 -22.27
N VAL B 63 17.69 12.56 -22.57
CA VAL B 63 17.90 13.65 -23.52
C VAL B 63 17.43 13.30 -24.93
N PRO B 64 17.97 12.22 -25.50
CA PRO B 64 17.53 11.87 -26.84
C PRO B 64 16.02 11.54 -26.87
N LEU B 65 15.52 10.91 -25.80
CA LEU B 65 14.09 10.58 -25.72
C LEU B 65 13.25 11.84 -25.71
N MET B 66 13.73 12.85 -25.00
CA MET B 66 12.99 14.10 -24.91
C MET B 66 13.03 14.81 -26.27
N ARG B 67 14.15 14.67 -26.99
CA ARG B 67 14.27 15.28 -28.31
C ARG B 67 13.24 14.63 -29.23
N LYS B 68 13.15 13.30 -29.19
CA LYS B 68 12.19 12.59 -30.04
C LYS B 68 10.75 13.01 -29.73
N ALA B 69 10.42 13.13 -28.45
CA ALA B 69 9.08 13.54 -28.05
C ALA B 69 8.79 14.95 -28.54
N GLY B 70 9.85 15.74 -28.64
CA GLY B 70 9.71 17.11 -29.09
C GLY B 70 9.45 17.17 -30.59
N GLU B 71 10.16 16.36 -31.35
CA GLU B 71 9.94 16.37 -32.79
C GLU B 71 8.53 15.86 -33.10
N LEU B 72 7.95 15.09 -32.17
CA LEU B 72 6.60 14.56 -32.35
C LEU B 72 5.53 15.57 -31.95
N GLY B 73 5.97 16.69 -31.40
CA GLY B 73 5.07 17.73 -30.97
C GLY B 73 4.48 17.51 -29.58
N LEU B 74 4.97 16.52 -28.85
CA LEU B 74 4.43 16.26 -27.51
C LEU B 74 4.83 17.29 -26.47
N LEU B 75 5.89 18.03 -26.76
CA LEU B 75 6.36 19.05 -25.83
C LEU B 75 5.82 20.43 -26.15
N ALA B 76 5.12 20.55 -27.27
CA ALA B 76 4.56 21.84 -27.67
C ALA B 76 3.03 21.95 -27.53
N ILE B 77 2.40 20.88 -27.03
CA ILE B 77 0.95 20.86 -26.84
C ILE B 77 0.41 22.05 -26.01
N ASP B 78 1.03 22.33 -24.87
CA ASP B 78 0.59 23.43 -24.02
C ASP B 78 1.36 24.74 -24.23
N VAL B 79 2.07 24.82 -25.35
CA VAL B 79 2.85 26.02 -25.64
C VAL B 79 2.19 26.89 -26.72
N PRO B 80 2.18 28.22 -26.50
CA PRO B 80 1.57 29.15 -27.46
C PRO B 80 2.13 28.97 -28.87
N GLU B 81 1.30 29.25 -29.87
CA GLU B 81 1.68 29.10 -31.26
C GLU B 81 2.79 30.05 -31.71
N GLU B 82 2.74 31.29 -31.25
CA GLU B 82 3.72 32.28 -31.64
C GLU B 82 5.13 32.00 -31.11
N TYR B 83 5.28 30.87 -30.41
CA TYR B 83 6.57 30.47 -29.86
C TYR B 83 6.94 29.04 -30.19
N GLY B 84 6.40 28.53 -31.29
CA GLY B 84 6.71 27.16 -31.69
C GLY B 84 5.81 26.11 -31.06
N GLY B 85 4.78 26.58 -30.36
CA GLY B 85 3.86 25.66 -29.72
C GLY B 85 2.66 25.35 -30.59
N LEU B 86 1.83 24.40 -30.15
CA LEU B 86 0.64 24.02 -30.87
C LEU B 86 -0.60 24.58 -30.18
N ASP B 87 -0.44 25.00 -28.93
CA ASP B 87 -1.53 25.58 -28.15
C ASP B 87 -2.84 24.82 -28.33
N LEU B 88 -2.85 23.57 -27.90
CA LEU B 88 -4.01 22.72 -28.02
C LEU B 88 -4.82 22.63 -26.73
N PRO B 89 -6.08 22.18 -26.84
CA PRO B 89 -6.96 22.03 -25.67
C PRO B 89 -6.35 21.15 -24.58
N LYS B 90 -6.53 21.54 -23.32
CA LYS B 90 -6.00 20.80 -22.19
C LYS B 90 -6.30 19.30 -22.25
N VAL B 91 -7.39 18.94 -22.91
CA VAL B 91 -7.73 17.53 -23.02
C VAL B 91 -6.59 16.74 -23.68
N ILE B 92 -5.97 17.32 -24.71
CA ILE B 92 -4.88 16.67 -25.44
C ILE B 92 -3.64 16.43 -24.56
N SER B 93 -3.17 17.47 -23.87
CA SER B 93 -2.02 17.30 -22.99
C SER B 93 -2.35 16.32 -21.86
N THR B 94 -3.64 16.22 -21.53
CA THR B 94 -4.07 15.31 -20.46
C THR B 94 -4.04 13.86 -20.92
N VAL B 95 -4.49 13.59 -22.14
CA VAL B 95 -4.49 12.21 -22.64
C VAL B 95 -3.04 11.76 -22.85
N VAL B 96 -2.17 12.70 -23.22
CA VAL B 96 -0.76 12.39 -23.45
C VAL B 96 -0.15 11.95 -22.11
N ALA B 97 -0.51 12.63 -21.03
CA ALA B 97 -0.02 12.28 -19.71
C ALA B 97 -0.45 10.86 -19.37
N GLU B 98 -1.72 10.55 -19.64
CA GLU B 98 -2.24 9.22 -19.33
C GLU B 98 -1.52 8.10 -20.08
N GLU B 99 -1.29 8.30 -21.37
CA GLU B 99 -0.63 7.30 -22.20
C GLU B 99 0.85 7.14 -21.87
N LEU B 100 1.43 8.18 -21.28
CA LEU B 100 2.84 8.10 -20.92
C LEU B 100 3.11 7.39 -19.59
N SER B 101 2.04 6.93 -18.94
CA SER B 101 2.18 6.23 -17.66
C SER B 101 2.83 4.86 -17.89
N GLY B 102 3.18 4.57 -19.13
CA GLY B 102 3.82 3.29 -19.44
C GLY B 102 5.31 3.45 -19.70
N SER B 103 5.77 4.69 -19.62
CA SER B 103 7.18 5.00 -19.86
C SER B 103 8.00 4.95 -18.56
N GLY B 104 7.35 4.59 -17.46
CA GLY B 104 8.06 4.53 -16.19
C GLY B 104 8.55 5.91 -15.81
N GLY B 105 9.75 5.99 -15.26
CA GLY B 105 10.29 7.28 -14.84
C GLY B 105 10.30 8.38 -15.89
N PHE B 106 10.34 8.02 -17.17
CA PHE B 106 10.35 9.03 -18.21
C PHE B 106 9.11 9.91 -18.08
N SER B 107 8.05 9.37 -17.49
CA SER B 107 6.82 10.13 -17.30
C SER B 107 7.11 11.38 -16.45
N VAL B 108 7.96 11.23 -15.43
CA VAL B 108 8.30 12.36 -14.58
C VAL B 108 9.18 13.34 -15.38
N THR B 109 10.09 12.80 -16.19
CA THR B 109 10.96 13.65 -17.02
C THR B 109 10.06 14.53 -17.89
N TYR B 110 9.16 13.89 -18.64
CA TYR B 110 8.20 14.60 -19.51
C TYR B 110 7.33 15.55 -18.69
N GLY B 111 6.73 15.03 -17.63
CA GLY B 111 5.85 15.83 -16.79
C GLY B 111 6.48 17.06 -16.18
N ALA B 112 7.67 16.92 -15.60
CA ALA B 112 8.31 18.07 -14.98
C ALA B 112 8.61 19.12 -16.06
N HIS B 113 9.11 18.68 -17.20
CA HIS B 113 9.41 19.59 -18.31
C HIS B 113 8.17 20.38 -18.79
N THR B 114 7.16 19.67 -19.31
CA THR B 114 5.94 20.33 -19.82
C THR B 114 5.09 21.14 -18.82
N SER B 115 5.14 20.78 -17.54
CA SER B 115 4.35 21.50 -16.56
C SER B 115 5.17 22.55 -15.79
N ILE B 116 5.73 22.18 -14.66
CA ILE B 116 6.51 23.12 -13.88
C ILE B 116 7.69 23.74 -14.63
N GLY B 117 8.22 23.03 -15.62
CA GLY B 117 9.35 23.57 -16.36
C GLY B 117 9.05 24.61 -17.42
N THR B 118 7.95 24.42 -18.14
CA THR B 118 7.58 25.33 -19.21
C THR B 118 6.52 26.37 -18.80
N LEU B 119 5.46 25.92 -18.13
CA LEU B 119 4.36 26.81 -17.72
C LEU B 119 4.75 28.12 -17.05
N PRO B 120 5.77 28.12 -16.19
CA PRO B 120 6.14 29.38 -15.56
C PRO B 120 6.44 30.44 -16.62
N LEU B 121 7.24 30.07 -17.62
CA LEU B 121 7.58 30.99 -18.70
C LEU B 121 6.32 31.37 -19.50
N VAL B 122 5.46 30.39 -19.77
CA VAL B 122 4.23 30.66 -20.51
C VAL B 122 3.26 31.56 -19.74
N TYR B 123 3.21 31.42 -18.43
CA TYR B 123 2.30 32.21 -17.62
C TYR B 123 2.82 33.60 -17.24
N PHE B 124 4.10 33.71 -16.92
CA PHE B 124 4.64 35.01 -16.52
C PHE B 124 5.83 35.47 -17.33
N GLY B 125 6.25 34.65 -18.29
CA GLY B 125 7.39 35.01 -19.10
C GLY B 125 7.21 36.31 -19.84
N THR B 126 8.21 37.17 -19.74
CA THR B 126 8.17 38.45 -20.41
C THR B 126 8.24 38.20 -21.92
N GLU B 127 7.72 39.16 -22.68
CA GLU B 127 7.70 39.07 -24.13
C GLU B 127 9.04 38.60 -24.72
N GLU B 128 10.12 39.29 -24.39
CA GLU B 128 11.41 38.92 -24.96
C GLU B 128 11.96 37.60 -24.42
N GLN B 129 11.77 37.31 -23.14
CA GLN B 129 12.30 36.07 -22.58
C GLN B 129 11.54 34.83 -23.03
N LYS B 130 10.35 35.00 -23.60
CA LYS B 130 9.58 33.85 -24.08
C LYS B 130 10.04 33.42 -25.48
N ARG B 131 10.56 34.37 -26.24
CA ARG B 131 11.03 34.07 -27.59
C ARG B 131 12.38 33.40 -27.58
N LYS B 132 13.16 33.66 -26.54
CA LYS B 132 14.49 33.07 -26.49
C LYS B 132 14.59 31.85 -25.58
N TYR B 133 13.45 31.34 -25.14
CA TYR B 133 13.44 30.18 -24.26
C TYR B 133 12.39 29.15 -24.65
N LEU B 134 11.15 29.60 -24.76
CA LEU B 134 10.03 28.72 -25.10
C LEU B 134 10.23 27.90 -26.37
N PRO B 135 10.78 28.50 -27.42
CA PRO B 135 10.98 27.71 -28.64
C PRO B 135 11.84 26.47 -28.40
N LYS B 136 12.93 26.61 -27.65
CA LYS B 136 13.80 25.46 -27.39
C LYS B 136 13.11 24.42 -26.50
N LEU B 137 12.36 24.90 -25.51
CA LEU B 137 11.66 23.99 -24.61
C LEU B 137 10.58 23.23 -25.37
N ALA B 138 9.92 23.91 -26.29
CA ALA B 138 8.84 23.30 -27.07
C ALA B 138 9.34 22.28 -28.08
N SER B 139 10.59 22.44 -28.50
CA SER B 139 11.18 21.54 -29.47
C SER B 139 11.89 20.37 -28.79
N GLY B 140 12.30 20.57 -27.54
CA GLY B 140 13.01 19.53 -26.82
C GLY B 140 14.51 19.76 -26.87
N GLU B 141 14.94 20.80 -27.59
CA GLU B 141 16.35 21.11 -27.70
C GLU B 141 16.84 21.44 -26.29
N TRP B 142 15.97 22.08 -25.52
CA TRP B 142 16.29 22.45 -24.16
C TRP B 142 15.31 21.84 -23.16
N ILE B 143 15.84 21.20 -22.12
CA ILE B 143 15.02 20.58 -21.09
C ILE B 143 14.91 21.52 -19.90
N ALA B 144 13.71 21.67 -19.35
CA ALA B 144 13.54 22.57 -18.24
C ALA B 144 13.38 21.88 -16.89
N ALA B 145 13.74 22.60 -15.81
CA ALA B 145 13.65 22.09 -14.45
C ALA B 145 13.00 23.15 -13.57
N TYR B 146 12.38 22.72 -12.49
CA TYR B 146 11.67 23.60 -11.56
C TYR B 146 12.29 23.44 -10.18
N CYS B 147 12.80 24.53 -9.63
CA CYS B 147 13.46 24.48 -8.33
C CYS B 147 12.77 25.30 -7.27
N LEU B 148 11.85 24.65 -6.56
CA LEU B 148 11.09 25.30 -5.51
C LEU B 148 11.39 24.72 -4.14
N THR B 149 11.30 23.40 -4.02
CA THR B 149 11.52 22.71 -2.76
C THR B 149 12.95 22.85 -2.22
N GLU B 150 13.08 22.91 -0.90
CA GLU B 150 14.37 23.01 -0.25
C GLU B 150 14.42 22.01 0.90
N PRO B 151 15.63 21.69 1.41
CA PRO B 151 15.77 20.73 2.51
C PRO B 151 14.81 21.01 3.67
N GLY B 152 14.69 22.28 4.07
CA GLY B 152 13.79 22.62 5.16
C GLY B 152 12.36 22.98 4.75
N SER B 153 12.11 23.18 3.46
CA SER B 153 10.76 23.55 3.03
C SER B 153 10.20 22.72 1.88
N GLY B 154 9.05 22.08 2.11
CA GLY B 154 8.43 21.27 1.09
C GLY B 154 7.00 21.68 0.84
N SER B 155 6.08 21.25 1.71
CA SER B 155 4.68 21.59 1.58
C SER B 155 4.53 23.08 1.76
N ASP B 156 5.41 23.65 2.57
CA ASP B 156 5.38 25.08 2.81
C ASP B 156 6.46 25.67 1.90
N ALA B 157 6.21 25.58 0.59
CA ALA B 157 7.12 26.06 -0.43
C ALA B 157 7.58 27.49 -0.19
N LEU B 158 6.64 28.36 0.16
CA LEU B 158 6.97 29.76 0.39
C LEU B 158 7.94 29.95 1.57
N ALA B 159 8.34 28.85 2.20
CA ALA B 159 9.27 28.96 3.33
C ALA B 159 10.71 28.87 2.81
N ALA B 160 10.88 28.67 1.52
CA ALA B 160 12.22 28.57 0.95
C ALA B 160 13.08 29.72 1.45
N LYS B 161 14.35 29.44 1.71
CA LYS B 161 15.24 30.49 2.20
C LYS B 161 16.39 30.86 1.25
N THR B 162 16.38 30.32 0.05
CA THR B 162 17.41 30.67 -0.93
C THR B 162 17.28 32.19 -1.10
N ARG B 163 18.37 32.90 -0.86
CA ARG B 163 18.37 34.36 -0.93
C ARG B 163 18.81 34.98 -2.26
N ALA B 164 18.30 36.17 -2.52
CA ALA B 164 18.64 36.89 -3.74
C ALA B 164 18.90 38.35 -3.38
N THR B 165 20.08 38.82 -3.77
CA THR B 165 20.45 40.21 -3.52
C THR B 165 20.97 40.88 -4.80
N LEU B 166 20.55 42.12 -5.00
CA LEU B 166 20.94 42.88 -6.18
C LEU B 166 22.37 43.40 -6.03
N SER B 167 23.23 43.06 -6.98
CA SER B 167 24.63 43.47 -6.97
C SER B 167 24.82 44.98 -6.95
N GLU B 168 26.05 45.41 -6.64
CA GLU B 168 26.38 46.82 -6.59
C GLU B 168 26.00 47.44 -7.93
N ASP B 169 26.47 46.80 -8.99
CA ASP B 169 26.21 47.22 -10.36
C ASP B 169 24.72 47.50 -10.56
N GLY B 170 23.90 46.51 -10.26
CA GLY B 170 22.47 46.65 -10.41
C GLY B 170 21.99 45.92 -11.65
N LYS B 171 22.92 45.28 -12.34
CA LYS B 171 22.61 44.53 -13.56
C LYS B 171 22.39 43.04 -13.30
N HIS B 172 22.81 42.56 -12.13
CA HIS B 172 22.65 41.15 -11.79
C HIS B 172 22.10 40.91 -10.39
N TYR B 173 21.60 39.71 -10.16
CA TYR B 173 21.09 39.29 -8.86
C TYR B 173 21.97 38.13 -8.42
N ILE B 174 22.38 38.12 -7.15
CA ILE B 174 23.24 37.05 -6.65
C ILE B 174 22.40 36.06 -5.85
N LEU B 175 22.40 34.81 -6.30
CA LEU B 175 21.62 33.76 -5.65
C LEU B 175 22.43 32.80 -4.78
N ASN B 176 21.91 32.55 -3.59
CA ASN B 176 22.54 31.64 -2.65
C ASN B 176 21.48 30.78 -1.94
N GLY B 177 21.67 29.47 -1.98
CA GLY B 177 20.72 28.59 -1.33
C GLY B 177 20.82 27.17 -1.82
N VAL B 178 19.95 26.31 -1.31
CA VAL B 178 19.93 24.90 -1.70
C VAL B 178 18.50 24.49 -2.07
N LYS B 179 18.35 23.85 -3.23
CA LYS B 179 17.04 23.39 -3.68
C LYS B 179 17.08 21.86 -3.66
N GLN B 180 16.08 21.26 -3.04
CA GLN B 180 16.01 19.81 -2.87
C GLN B 180 15.09 19.04 -3.82
N TRP B 181 15.57 17.87 -4.26
CA TRP B 181 14.81 16.99 -5.15
C TRP B 181 14.42 17.62 -6.50
N ILE B 182 15.38 18.04 -7.31
CA ILE B 182 15.02 18.66 -8.60
C ILE B 182 14.97 17.66 -9.74
N SER B 183 13.77 17.39 -10.25
CA SER B 183 13.64 16.47 -11.39
C SER B 183 14.30 17.09 -12.62
N ASN B 184 14.97 16.25 -13.41
CA ASN B 184 15.66 16.67 -14.64
C ASN B 184 16.96 17.45 -14.40
N ALA B 185 17.31 17.66 -13.14
CA ALA B 185 18.52 18.39 -12.77
C ALA B 185 19.79 17.85 -13.39
N GLY B 186 19.81 16.57 -13.70
CA GLY B 186 20.99 15.96 -14.27
C GLY B 186 21.29 16.36 -15.71
N PHE B 187 20.29 16.87 -16.44
CA PHE B 187 20.48 17.26 -17.84
C PHE B 187 19.69 18.50 -18.27
N ALA B 188 18.96 19.11 -17.35
CA ALA B 188 18.17 20.30 -17.65
C ALA B 188 19.07 21.46 -18.05
N HIS B 189 18.64 22.21 -19.07
CA HIS B 189 19.36 23.38 -19.59
C HIS B 189 18.84 24.65 -18.93
N LEU B 190 17.54 24.68 -18.68
CA LEU B 190 16.93 25.86 -18.06
C LEU B 190 16.37 25.53 -16.68
N PHE B 191 16.59 26.44 -15.73
CA PHE B 191 16.12 26.24 -14.36
C PHE B 191 15.28 27.42 -13.83
N THR B 192 14.07 27.13 -13.37
CA THR B 192 13.24 28.20 -12.79
C THR B 192 13.45 28.05 -11.27
N VAL B 193 14.18 29.00 -10.67
CA VAL B 193 14.47 28.93 -9.24
C VAL B 193 13.75 29.97 -8.41
N PHE B 194 13.25 29.57 -7.24
CA PHE B 194 12.57 30.53 -6.38
C PHE B 194 13.47 30.97 -5.23
N ALA B 195 13.50 32.29 -5.01
CA ALA B 195 14.31 32.89 -3.95
C ALA B 195 13.65 34.17 -3.46
N LYS B 196 14.10 34.67 -2.32
CA LYS B 196 13.54 35.88 -1.78
C LYS B 196 14.58 37.00 -1.82
N VAL B 197 14.18 38.14 -2.38
CA VAL B 197 15.09 39.28 -2.47
C VAL B 197 15.19 39.87 -1.06
N ASP B 198 16.42 39.94 -0.55
CA ASP B 198 16.66 40.46 0.79
C ASP B 198 15.93 39.58 1.79
N GLY B 199 15.70 38.33 1.40
CA GLY B 199 15.00 37.39 2.25
C GLY B 199 13.63 37.84 2.68
N GLU B 200 12.77 38.24 1.74
CA GLU B 200 11.45 38.67 2.12
C GLU B 200 10.50 38.71 0.94
N HIS B 201 11.06 38.81 -0.26
CA HIS B 201 10.25 38.87 -1.48
C HIS B 201 10.40 37.62 -2.33
N PHE B 202 9.48 36.68 -2.12
CA PHE B 202 9.47 35.43 -2.86
C PHE B 202 9.40 35.76 -4.35
N THR B 203 10.46 35.40 -5.08
CA THR B 203 10.55 35.68 -6.50
C THR B 203 11.11 34.50 -7.32
N ALA B 204 10.67 34.38 -8.57
CA ALA B 204 11.14 33.31 -9.44
C ALA B 204 12.21 33.88 -10.37
N PHE B 205 13.23 33.06 -10.67
CA PHE B 205 14.33 33.47 -11.55
C PHE B 205 14.67 32.41 -12.61
N LEU B 206 15.05 32.87 -13.80
CA LEU B 206 15.44 31.97 -14.88
C LEU B 206 16.96 31.82 -14.79
N VAL B 207 17.44 30.60 -14.61
CA VAL B 207 18.88 30.34 -14.48
C VAL B 207 19.30 29.29 -15.49
N GLU B 208 20.29 29.63 -16.30
CA GLU B 208 20.78 28.70 -17.29
C GLU B 208 21.77 27.75 -16.64
N ARG B 209 21.75 26.50 -17.08
CA ARG B 209 22.63 25.49 -16.51
C ARG B 209 24.09 25.92 -16.46
N ASP B 210 24.59 26.49 -17.56
CA ASP B 210 26.00 26.92 -17.61
C ASP B 210 26.35 28.17 -16.82
N THR B 211 25.59 28.47 -15.78
CA THR B 211 25.86 29.66 -14.95
C THR B 211 26.84 29.31 -13.80
N PRO B 212 27.96 30.03 -13.70
CA PRO B 212 28.95 29.78 -12.65
C PRO B 212 28.35 29.85 -11.25
N GLY B 213 28.77 28.95 -10.36
CA GLY B 213 28.25 28.95 -9.01
C GLY B 213 27.10 27.98 -8.81
N LEU B 214 26.55 27.47 -9.90
CA LEU B 214 25.46 26.52 -9.84
C LEU B 214 26.01 25.12 -10.01
N SER B 215 25.77 24.26 -9.03
CA SER B 215 26.27 22.88 -9.08
C SER B 215 25.15 21.90 -8.70
N PHE B 216 25.40 20.61 -8.88
CA PHE B 216 24.37 19.61 -8.57
C PHE B 216 24.90 18.44 -7.74
N GLY B 217 24.10 17.97 -6.80
CA GLY B 217 24.53 16.84 -5.99
C GLY B 217 24.33 15.57 -6.83
N PRO B 218 24.82 14.41 -6.37
CA PRO B 218 24.68 13.14 -7.10
C PRO B 218 23.22 12.75 -7.24
N GLU B 219 22.97 11.81 -8.14
CA GLU B 219 21.61 11.34 -8.38
C GLU B 219 21.01 10.80 -7.08
N GLU B 220 19.81 11.27 -6.72
CA GLU B 220 19.19 10.79 -5.50
C GLU B 220 18.85 9.31 -5.71
N LYS B 221 18.97 8.50 -4.66
CA LYS B 221 18.61 7.10 -4.80
C LYS B 221 17.22 6.92 -4.18
N LYS B 222 16.21 6.66 -5.00
CA LYS B 222 14.87 6.50 -4.45
C LYS B 222 14.28 5.11 -4.62
N MET B 223 13.12 4.86 -4.01
CA MET B 223 12.53 3.53 -4.13
C MET B 223 12.00 3.23 -5.53
N GLY B 224 11.64 4.27 -6.27
CA GLY B 224 11.09 4.07 -7.61
C GLY B 224 11.37 5.18 -8.60
N ILE B 225 10.71 5.12 -9.76
CA ILE B 225 10.93 6.06 -10.86
C ILE B 225 12.43 6.32 -11.02
N LYS B 226 13.21 5.23 -11.04
CA LYS B 226 14.66 5.32 -11.18
C LYS B 226 15.08 5.90 -12.53
N ALA B 227 14.22 5.77 -13.54
CA ALA B 227 14.52 6.32 -14.87
C ALA B 227 14.47 7.84 -14.84
N SER B 228 14.05 8.41 -13.73
CA SER B 228 13.97 9.87 -13.66
C SER B 228 15.20 10.44 -12.97
N SER B 229 15.64 11.61 -13.43
CA SER B 229 16.79 12.28 -12.84
C SER B 229 16.31 13.19 -11.74
N THR B 230 16.90 13.04 -10.56
CA THR B 230 16.55 13.86 -9.42
C THR B 230 17.84 14.18 -8.65
N ARG B 231 18.18 15.45 -8.59
CA ARG B 231 19.40 15.85 -7.90
C ARG B 231 19.13 17.09 -7.07
N GLN B 232 20.07 17.39 -6.19
CA GLN B 232 19.97 18.55 -5.35
C GLN B 232 20.67 19.66 -6.14
N VAL B 233 20.07 20.85 -6.19
CA VAL B 233 20.70 21.95 -6.91
C VAL B 233 21.24 22.95 -5.90
N ILE B 234 22.54 23.23 -5.96
CA ILE B 234 23.17 24.17 -5.05
C ILE B 234 23.48 25.50 -5.72
N LEU B 235 23.28 26.61 -5.02
CA LEU B 235 23.58 27.92 -5.58
C LEU B 235 24.56 28.68 -4.70
N GLU B 236 25.79 28.83 -5.20
CA GLU B 236 26.84 29.54 -4.48
C GLU B 236 27.18 30.79 -5.28
N ASP B 237 26.68 31.94 -4.83
CA ASP B 237 26.91 33.21 -5.50
C ASP B 237 26.59 33.13 -7.00
N VAL B 238 25.34 32.85 -7.34
CA VAL B 238 24.93 32.75 -8.74
C VAL B 238 24.47 34.11 -9.30
N LYS B 239 25.13 34.54 -10.38
CA LYS B 239 24.82 35.81 -11.03
C LYS B 239 23.67 35.62 -12.01
N VAL B 240 22.59 36.36 -11.80
CA VAL B 240 21.42 36.27 -12.64
C VAL B 240 21.03 37.66 -13.13
N PRO B 241 21.04 37.87 -14.46
CA PRO B 241 20.68 39.16 -15.05
C PRO B 241 19.32 39.64 -14.55
N VAL B 242 19.23 40.92 -14.22
CA VAL B 242 17.98 41.49 -13.73
C VAL B 242 16.79 41.13 -14.61
N GLU B 243 16.99 41.03 -15.93
CA GLU B 243 15.89 40.72 -16.83
C GLU B 243 15.48 39.25 -16.76
N ASN B 244 16.20 38.47 -15.96
CA ASN B 244 15.88 37.06 -15.82
C ASN B 244 14.87 36.82 -14.72
N VAL B 245 14.36 37.92 -14.15
CA VAL B 245 13.37 37.80 -13.10
C VAL B 245 12.06 37.38 -13.75
N LEU B 246 11.53 36.25 -13.33
CA LEU B 246 10.29 35.71 -13.85
C LEU B 246 9.10 36.24 -13.05
N GLY B 247 8.24 37.01 -13.72
CA GLY B 247 7.10 37.57 -13.04
C GLY B 247 7.45 38.84 -12.29
N GLU B 248 6.78 39.07 -11.17
CA GLU B 248 7.02 40.27 -10.36
C GLU B 248 7.69 39.91 -9.03
N ILE B 249 8.61 40.75 -8.58
CA ILE B 249 9.32 40.53 -7.33
C ILE B 249 8.36 40.49 -6.14
N GLY B 250 8.40 39.40 -5.37
CA GLY B 250 7.52 39.27 -4.24
C GLY B 250 6.23 38.55 -4.59
N LYS B 251 5.98 38.37 -5.87
CA LYS B 251 4.76 37.68 -6.29
C LYS B 251 5.10 36.34 -6.95
N GLY B 252 6.14 35.70 -6.45
CA GLY B 252 6.52 34.40 -6.98
C GLY B 252 5.52 33.34 -6.60
N HIS B 253 4.73 33.60 -5.56
CA HIS B 253 3.75 32.62 -5.13
C HIS B 253 2.73 32.36 -6.23
N LYS B 254 2.40 33.39 -7.00
CA LYS B 254 1.45 33.25 -8.09
C LYS B 254 1.85 32.15 -9.07
N ILE B 255 3.13 32.12 -9.42
CA ILE B 255 3.63 31.12 -10.35
C ILE B 255 3.43 29.73 -9.76
N ALA B 256 3.95 29.54 -8.56
CA ALA B 256 3.86 28.25 -7.87
C ALA B 256 2.43 27.73 -7.74
N PHE B 257 1.49 28.60 -7.40
CA PHE B 257 0.12 28.16 -7.22
C PHE B 257 -0.59 27.79 -8.53
N ASN B 258 -0.34 28.55 -9.59
CA ASN B 258 -0.99 28.24 -10.86
C ASN B 258 -0.50 27.00 -11.56
N VAL B 259 0.79 26.70 -11.46
CA VAL B 259 1.29 25.51 -12.12
C VAL B 259 0.72 24.26 -11.43
N LEU B 260 0.49 24.35 -10.12
CA LEU B 260 -0.06 23.23 -9.38
C LEU B 260 -1.40 22.75 -9.93
N ASN B 261 -2.24 23.65 -10.45
CA ASN B 261 -3.54 23.22 -10.98
C ASN B 261 -3.39 22.26 -12.14
N VAL B 262 -2.46 22.54 -13.06
CA VAL B 262 -2.24 21.70 -14.22
C VAL B 262 -1.55 20.41 -13.81
N GLY B 263 -0.55 20.54 -12.93
CA GLY B 263 0.16 19.36 -12.49
C GLY B 263 -0.78 18.36 -11.85
N ARG B 264 -1.78 18.84 -11.12
CA ARG B 264 -2.70 17.93 -10.47
C ARG B 264 -3.60 17.14 -11.40
N TYR B 265 -4.20 17.80 -12.38
CA TYR B 265 -5.05 17.00 -13.23
C TYR B 265 -4.28 16.12 -14.19
N LYS B 266 -3.08 16.54 -14.59
CA LYS B 266 -2.27 15.72 -15.49
C LYS B 266 -1.78 14.48 -14.70
N LEU B 267 -1.50 14.66 -13.42
CA LEU B 267 -1.06 13.54 -12.60
C LEU B 267 -2.24 12.58 -12.41
N GLY B 268 -3.43 13.13 -12.20
CA GLY B 268 -4.61 12.30 -12.05
C GLY B 268 -4.79 11.47 -13.30
N ALA B 269 -4.51 12.06 -14.47
CA ALA B 269 -4.65 11.30 -15.72
C ALA B 269 -3.52 10.28 -15.78
N GLY B 270 -2.34 10.68 -15.32
CA GLY B 270 -1.21 9.77 -15.31
C GLY B 270 -1.55 8.55 -14.46
N ALA B 271 -2.08 8.76 -13.26
CA ALA B 271 -2.43 7.65 -12.40
C ALA B 271 -3.44 6.72 -13.06
N VAL B 272 -4.44 7.30 -13.73
CA VAL B 272 -5.44 6.49 -14.41
C VAL B 272 -4.71 5.60 -15.43
N GLY B 273 -3.81 6.19 -16.22
CA GLY B 273 -3.07 5.39 -17.18
C GLY B 273 -2.26 4.28 -16.54
N GLY B 274 -1.53 4.60 -15.47
CA GLY B 274 -0.73 3.58 -14.81
C GLY B 274 -1.59 2.45 -14.30
N ALA B 275 -2.74 2.81 -13.73
CA ALA B 275 -3.65 1.82 -13.19
C ALA B 275 -4.07 0.85 -14.29
N LYS B 276 -4.43 1.38 -15.46
CA LYS B 276 -4.83 0.52 -16.58
C LYS B 276 -3.72 -0.46 -16.92
N ARG B 277 -2.48 0.02 -16.97
CA ARG B 277 -1.37 -0.85 -17.29
C ARG B 277 -1.24 -1.97 -16.26
N ALA B 278 -1.31 -1.59 -14.99
CA ALA B 278 -1.21 -2.57 -13.92
C ALA B 278 -2.35 -3.58 -14.04
N LEU B 279 -3.50 -3.11 -14.52
CA LEU B 279 -4.66 -3.98 -14.70
C LEU B 279 -4.41 -4.96 -15.85
N GLU B 280 -3.83 -4.47 -16.96
CA GLU B 280 -3.52 -5.33 -18.10
C GLU B 280 -2.61 -6.45 -17.62
N LEU B 281 -1.57 -6.07 -16.88
CA LEU B 281 -0.62 -7.03 -16.35
C LEU B 281 -1.32 -8.04 -15.45
N SER B 282 -2.19 -7.55 -14.57
CA SER B 282 -2.91 -8.42 -13.64
C SER B 282 -3.87 -9.36 -14.37
N ALA B 283 -4.62 -8.81 -15.33
CA ALA B 283 -5.58 -9.62 -16.10
C ALA B 283 -4.85 -10.69 -16.87
N GLN B 284 -3.78 -10.29 -17.54
CA GLN B 284 -3.00 -11.24 -18.33
C GLN B 284 -2.44 -12.36 -17.48
N TYR B 285 -1.87 -12.00 -16.34
CA TYR B 285 -1.30 -13.01 -15.45
C TYR B 285 -2.41 -13.90 -14.89
N ALA B 286 -3.57 -13.31 -14.56
CA ALA B 286 -4.70 -14.08 -14.02
C ALA B 286 -5.17 -15.16 -15.02
N THR B 287 -5.01 -14.89 -16.31
CA THR B 287 -5.42 -15.84 -17.33
C THR B 287 -4.39 -16.94 -17.57
N GLN B 288 -3.11 -16.58 -17.53
CA GLN B 288 -2.04 -17.56 -17.75
C GLN B 288 -1.65 -18.42 -16.56
N ARG B 289 -1.59 -17.83 -15.38
CA ARG B 289 -1.19 -18.57 -14.19
C ARG B 289 -2.24 -19.59 -13.78
N VAL B 290 -1.85 -20.85 -13.72
CA VAL B 290 -2.77 -21.90 -13.32
C VAL B 290 -2.34 -22.52 -11.98
N GLN B 291 -3.24 -22.52 -11.00
CA GLN B 291 -2.96 -23.15 -9.71
C GLN B 291 -4.19 -24.01 -9.39
N PHE B 292 -3.95 -25.16 -8.78
CA PHE B 292 -5.03 -26.07 -8.45
C PHE B 292 -5.84 -26.39 -9.71
N GLY B 293 -5.12 -26.69 -10.79
CA GLY B 293 -5.75 -27.04 -12.05
C GLY B 293 -6.79 -26.06 -12.58
N ARG B 294 -6.46 -24.78 -12.54
CA ARG B 294 -7.38 -23.76 -13.02
C ARG B 294 -6.74 -22.37 -12.99
N PRO B 295 -7.06 -21.54 -14.00
CA PRO B 295 -6.47 -20.19 -14.01
C PRO B 295 -6.97 -19.48 -12.75
N ILE B 296 -6.04 -18.82 -12.05
CA ILE B 296 -6.40 -18.14 -10.81
C ILE B 296 -7.50 -17.12 -11.02
N GLY B 297 -7.63 -16.66 -12.26
CA GLY B 297 -8.65 -15.71 -12.61
C GLY B 297 -10.04 -16.28 -12.44
N ARG B 298 -10.14 -17.60 -12.19
CA ARG B 298 -11.42 -18.24 -12.00
C ARG B 298 -11.82 -18.31 -10.52
N PHE B 299 -10.87 -18.01 -9.64
CA PHE B 299 -11.16 -18.03 -8.21
C PHE B 299 -11.88 -16.76 -7.80
N GLY B 300 -12.80 -16.92 -6.85
CA GLY B 300 -13.56 -15.78 -6.38
C GLY B 300 -12.75 -14.58 -5.92
N LEU B 301 -11.79 -14.78 -5.02
CA LEU B 301 -10.99 -13.67 -4.48
C LEU B 301 -10.20 -12.90 -5.54
N ILE B 302 -9.73 -13.58 -6.58
CA ILE B 302 -9.01 -12.88 -7.63
C ILE B 302 -10.01 -12.06 -8.42
N GLN B 303 -11.17 -12.66 -8.71
CA GLN B 303 -12.21 -11.96 -9.47
C GLN B 303 -12.64 -10.71 -8.72
N GLN B 304 -12.74 -10.80 -7.40
CA GLN B 304 -13.13 -9.65 -6.61
C GLN B 304 -12.11 -8.50 -6.82
N LYS B 305 -10.82 -8.82 -6.83
CA LYS B 305 -9.81 -7.79 -7.04
C LYS B 305 -9.93 -7.17 -8.43
N LEU B 306 -9.95 -8.03 -9.45
CA LEU B 306 -10.07 -7.62 -10.85
C LEU B 306 -11.31 -6.76 -11.08
N GLY B 307 -12.42 -7.11 -10.42
CA GLY B 307 -13.63 -6.32 -10.57
C GLY B 307 -13.49 -4.98 -9.89
N GLU B 308 -12.98 -4.97 -8.65
CA GLU B 308 -12.82 -3.71 -7.92
C GLU B 308 -11.83 -2.81 -8.66
N MET B 309 -10.75 -3.38 -9.19
CA MET B 309 -9.78 -2.57 -9.94
C MET B 309 -10.42 -1.84 -11.11
N ALA B 310 -11.17 -2.56 -11.95
CA ALA B 310 -11.83 -1.95 -13.10
C ALA B 310 -12.83 -0.88 -12.64
N SER B 311 -13.50 -1.15 -11.53
CA SER B 311 -14.45 -0.17 -11.05
C SER B 311 -13.77 1.13 -10.61
N ARG B 312 -12.74 1.06 -9.78
CA ARG B 312 -12.09 2.28 -9.34
C ARG B 312 -11.44 3.04 -10.51
N ILE B 313 -10.86 2.31 -11.44
CA ILE B 313 -10.26 2.97 -12.59
C ILE B 313 -11.34 3.73 -13.39
N TYR B 314 -12.49 3.11 -13.59
CA TYR B 314 -13.57 3.77 -14.33
C TYR B 314 -14.01 5.06 -13.65
N ALA B 315 -14.19 5.01 -12.33
CA ALA B 315 -14.57 6.19 -11.59
C ALA B 315 -13.54 7.31 -11.75
N ALA B 316 -12.27 7.02 -11.49
CA ALA B 316 -11.21 8.03 -11.61
C ALA B 316 -11.13 8.59 -13.03
N GLU B 317 -11.18 7.69 -14.00
CA GLU B 317 -11.10 8.08 -15.40
C GLU B 317 -12.25 9.04 -15.74
N SER B 318 -13.45 8.73 -15.24
CA SER B 318 -14.60 9.57 -15.55
C SER B 318 -14.46 10.93 -14.90
N ALA B 319 -14.02 10.96 -13.65
CA ALA B 319 -13.86 12.23 -12.95
C ALA B 319 -12.77 13.10 -13.57
N VAL B 320 -11.66 12.48 -14.00
CA VAL B 320 -10.55 13.23 -14.60
C VAL B 320 -10.91 13.98 -15.90
N TYR B 321 -11.46 13.26 -16.87
CA TYR B 321 -11.80 13.88 -18.14
C TYR B 321 -13.02 14.75 -18.07
N ARG B 322 -13.85 14.56 -17.05
CA ARG B 322 -15.01 15.40 -16.91
C ARG B 322 -14.43 16.74 -16.44
N THR B 323 -13.46 16.67 -15.53
CA THR B 323 -12.81 17.87 -15.01
C THR B 323 -12.14 18.67 -16.12
N VAL B 324 -11.34 17.99 -16.95
CA VAL B 324 -10.63 18.65 -18.05
C VAL B 324 -11.61 19.18 -19.10
N GLY B 325 -12.71 18.45 -19.28
CA GLY B 325 -13.72 18.89 -20.23
C GLY B 325 -14.28 20.24 -19.81
N LEU B 326 -14.46 20.44 -18.51
CA LEU B 326 -14.97 21.71 -18.00
C LEU B 326 -13.98 22.84 -18.25
N ILE B 327 -12.72 22.58 -17.92
CA ILE B 327 -11.67 23.57 -18.10
C ILE B 327 -11.61 24.02 -19.56
N ASP B 328 -11.63 23.06 -20.48
CA ASP B 328 -11.57 23.39 -21.89
C ASP B 328 -12.67 24.34 -22.35
N GLU B 329 -13.90 24.07 -21.94
CA GLU B 329 -15.02 24.93 -22.32
C GLU B 329 -14.83 26.34 -21.76
N ALA B 330 -14.41 26.42 -20.51
CA ALA B 330 -14.20 27.71 -19.88
C ALA B 330 -13.02 28.44 -20.52
N LEU B 331 -12.31 27.74 -21.41
CA LEU B 331 -11.16 28.32 -22.10
C LEU B 331 -11.48 28.77 -23.53
N LEU B 332 -12.61 28.31 -24.05
CA LEU B 332 -13.01 28.67 -25.40
C LEU B 332 -13.09 30.19 -25.55
N GLY B 333 -12.60 30.68 -26.69
CA GLY B 333 -12.65 32.12 -26.94
C GLY B 333 -11.81 32.92 -25.98
N LYS B 334 -10.79 32.29 -25.41
CA LYS B 334 -9.91 32.95 -24.48
C LYS B 334 -8.45 32.65 -24.77
N LYS B 335 -7.63 33.69 -24.73
CA LYS B 335 -6.20 33.54 -24.95
C LYS B 335 -5.45 34.46 -23.99
N GLY B 336 -4.16 34.21 -23.86
CA GLY B 336 -3.36 35.01 -22.96
C GLY B 336 -3.18 34.28 -21.63
N PRO B 337 -2.03 34.42 -20.99
CA PRO B 337 -1.80 33.74 -19.72
C PRO B 337 -2.86 34.02 -18.64
N GLU B 338 -3.19 35.30 -18.48
CA GLU B 338 -4.15 35.72 -17.46
C GLU B 338 -5.52 35.04 -17.58
N ALA B 339 -6.05 34.98 -18.80
CA ALA B 339 -7.35 34.37 -19.02
C ALA B 339 -7.27 32.86 -18.88
N VAL B 340 -6.21 32.28 -19.42
CA VAL B 340 -6.06 30.84 -19.34
C VAL B 340 -5.88 30.38 -17.89
N MET B 341 -5.04 31.09 -17.12
CA MET B 341 -4.84 30.71 -15.72
C MET B 341 -6.14 30.81 -14.92
N ALA B 342 -6.87 31.91 -15.10
CA ALA B 342 -8.13 32.07 -14.38
C ALA B 342 -9.12 31.00 -14.82
N GLY B 343 -9.03 30.58 -16.08
CA GLY B 343 -9.94 29.56 -16.56
C GLY B 343 -9.67 28.23 -15.87
N ILE B 344 -8.39 27.90 -15.73
CA ILE B 344 -8.02 26.65 -15.08
C ILE B 344 -8.28 26.79 -13.57
N GLU B 345 -7.88 27.92 -13.00
CA GLU B 345 -8.08 28.19 -11.58
C GLU B 345 -9.55 28.02 -11.16
N GLU B 346 -10.46 28.21 -12.10
CA GLU B 346 -11.89 28.06 -11.82
C GLU B 346 -12.19 26.68 -11.26
N TYR B 347 -11.43 25.68 -11.71
CA TYR B 347 -11.65 24.31 -11.24
C TYR B 347 -10.50 23.74 -10.38
N ALA B 348 -9.88 24.60 -9.58
CA ALA B 348 -8.78 24.21 -8.71
C ALA B 348 -9.24 23.08 -7.79
N VAL B 349 -10.45 23.18 -7.27
CA VAL B 349 -11.00 22.16 -6.40
C VAL B 349 -11.10 20.82 -7.12
N GLU B 350 -11.64 20.82 -8.34
CA GLU B 350 -11.77 19.59 -9.11
C GLU B 350 -10.38 18.98 -9.39
N ALA B 351 -9.41 19.82 -9.69
CA ALA B 351 -8.06 19.34 -9.97
C ALA B 351 -7.54 18.58 -8.74
N SER B 352 -7.75 19.14 -7.57
CA SER B 352 -7.31 18.49 -6.34
C SER B 352 -8.01 17.16 -6.10
N ILE B 353 -9.32 17.11 -6.37
CA ILE B 353 -10.09 15.87 -6.18
C ILE B 353 -9.60 14.71 -7.05
N ILE B 354 -9.37 14.96 -8.33
CA ILE B 354 -8.89 13.91 -9.21
C ILE B 354 -7.42 13.57 -8.93
N LYS B 355 -6.69 14.50 -8.32
CA LYS B 355 -5.29 14.26 -7.97
C LYS B 355 -5.23 13.23 -6.83
N VAL B 356 -6.08 13.40 -5.84
CA VAL B 356 -6.16 12.49 -4.70
C VAL B 356 -6.79 11.17 -5.12
N LEU B 357 -7.87 11.26 -5.91
CA LEU B 357 -8.59 10.07 -6.38
C LEU B 357 -7.69 9.20 -7.25
N GLY B 358 -7.03 9.83 -8.22
CA GLY B 358 -6.18 9.07 -9.12
C GLY B 358 -5.07 8.33 -8.42
N SER B 359 -4.25 9.06 -7.68
CA SER B 359 -3.15 8.42 -6.98
C SER B 359 -3.61 7.30 -6.06
N GLU B 360 -4.73 7.49 -5.34
CA GLU B 360 -5.19 6.45 -4.43
C GLU B 360 -5.76 5.24 -5.14
N VAL B 361 -6.36 5.47 -6.31
CA VAL B 361 -6.90 4.36 -7.09
C VAL B 361 -5.69 3.55 -7.63
N LEU B 362 -4.70 4.24 -8.22
CA LEU B 362 -3.49 3.56 -8.73
C LEU B 362 -2.80 2.77 -7.59
N ASP B 363 -2.70 3.37 -6.41
CA ASP B 363 -2.09 2.72 -5.26
C ASP B 363 -2.74 1.36 -5.05
N TYR B 364 -4.07 1.37 -4.97
CA TYR B 364 -4.84 0.15 -4.80
C TYR B 364 -4.61 -0.85 -5.94
N VAL B 365 -4.68 -0.37 -7.18
CA VAL B 365 -4.50 -1.21 -8.36
C VAL B 365 -3.10 -1.85 -8.42
N VAL B 366 -2.04 -1.09 -8.20
CA VAL B 366 -0.72 -1.74 -8.25
C VAL B 366 -0.55 -2.71 -7.07
N ASP B 367 -1.18 -2.42 -5.95
CA ASP B 367 -1.05 -3.29 -4.78
C ASP B 367 -1.67 -4.67 -4.99
N GLU B 368 -2.90 -4.68 -5.51
CA GLU B 368 -3.59 -5.92 -5.79
C GLU B 368 -2.94 -6.56 -7.01
N GLY B 369 -2.34 -5.74 -7.85
CA GLY B 369 -1.67 -6.28 -9.02
C GLY B 369 -0.51 -7.13 -8.51
N VAL B 370 0.21 -6.60 -7.54
CA VAL B 370 1.32 -7.36 -6.97
C VAL B 370 0.73 -8.63 -6.34
N GLN B 371 -0.34 -8.49 -5.58
CA GLN B 371 -0.93 -9.66 -4.92
C GLN B 371 -1.29 -10.76 -5.92
N ILE B 372 -1.92 -10.38 -7.03
CA ILE B 372 -2.31 -11.30 -8.08
C ILE B 372 -1.13 -12.14 -8.58
N HIS B 373 0.07 -11.53 -8.66
CA HIS B 373 1.28 -12.25 -9.11
C HIS B 373 2.00 -13.05 -8.06
N GLY B 374 1.45 -13.06 -6.85
CA GLY B 374 2.08 -13.79 -5.76
C GLY B 374 3.53 -13.40 -5.55
N GLY B 375 4.40 -14.39 -5.39
CA GLY B 375 5.82 -14.09 -5.17
C GLY B 375 6.43 -13.31 -6.31
N TYR B 376 6.07 -13.67 -7.54
CA TYR B 376 6.61 -12.99 -8.71
C TYR B 376 6.34 -11.50 -8.72
N GLY B 377 5.33 -11.05 -7.97
CA GLY B 377 5.04 -9.64 -7.94
C GLY B 377 6.10 -8.92 -7.11
N TYR B 378 6.91 -9.70 -6.42
CA TYR B 378 7.98 -9.16 -5.57
C TYR B 378 9.32 -9.23 -6.30
N SER B 379 9.27 -9.71 -7.54
CA SER B 379 10.47 -9.89 -8.36
C SER B 379 10.73 -8.76 -9.36
N GLN B 380 11.97 -8.29 -9.41
CA GLN B 380 12.31 -7.20 -10.32
C GLN B 380 12.18 -7.62 -11.78
N GLU B 381 12.00 -8.91 -12.04
CA GLU B 381 11.84 -9.39 -13.42
C GLU B 381 10.44 -9.14 -13.96
N TYR B 382 9.49 -8.86 -13.07
CA TYR B 382 8.11 -8.60 -13.50
C TYR B 382 7.81 -7.11 -13.37
N PRO B 383 7.30 -6.49 -14.44
CA PRO B 383 6.98 -5.06 -14.45
C PRO B 383 6.04 -4.60 -13.31
N ILE B 384 5.19 -5.49 -12.83
CA ILE B 384 4.26 -5.13 -11.77
C ILE B 384 5.01 -4.70 -10.51
N GLU B 385 6.23 -5.22 -10.35
CA GLU B 385 7.09 -4.90 -9.21
C GLU B 385 7.53 -3.42 -9.29
N ARG B 386 7.97 -3.00 -10.47
CA ARG B 386 8.41 -1.63 -10.70
C ARG B 386 7.21 -0.67 -10.54
N ALA B 387 6.05 -1.08 -11.04
CA ALA B 387 4.86 -0.22 -10.98
C ALA B 387 4.43 0.03 -9.53
N TYR B 388 4.61 -0.97 -8.67
CA TYR B 388 4.26 -0.81 -7.26
C TYR B 388 5.18 0.26 -6.68
N ARG B 389 6.46 0.21 -7.00
CA ARG B 389 7.38 1.19 -6.46
C ARG B 389 7.18 2.59 -7.08
N ASP B 390 7.03 2.65 -8.41
CA ASP B 390 6.84 3.92 -9.11
C ASP B 390 5.58 4.66 -8.65
N ALA B 391 4.56 3.89 -8.25
CA ALA B 391 3.29 4.49 -7.84
C ALA B 391 3.34 5.29 -6.56
N ARG B 392 4.08 4.76 -5.59
CA ARG B 392 4.20 5.34 -4.26
C ARG B 392 4.42 6.87 -4.20
N ILE B 393 5.22 7.40 -5.12
CA ILE B 393 5.50 8.85 -5.11
C ILE B 393 4.29 9.73 -5.40
N ASN B 394 3.31 9.21 -6.13
CA ASN B 394 2.14 9.99 -6.49
C ASN B 394 1.31 10.65 -5.40
N ARG B 395 1.17 10.00 -4.25
CA ARG B 395 0.41 10.56 -3.14
C ARG B 395 1.19 11.70 -2.47
N ILE B 396 2.40 11.97 -2.95
CA ILE B 396 3.23 13.04 -2.42
C ILE B 396 3.35 14.21 -3.39
N PHE B 397 3.54 13.89 -4.67
CA PHE B 397 3.64 14.86 -5.77
C PHE B 397 2.44 15.81 -5.85
N GLU B 398 2.67 17.00 -6.41
CA GLU B 398 1.62 17.99 -6.59
C GLU B 398 0.90 18.28 -5.28
N GLY B 399 1.64 18.30 -4.18
CA GLY B 399 1.04 18.50 -2.88
C GLY B 399 0.65 17.11 -2.39
N THR B 400 0.95 16.83 -1.12
CA THR B 400 0.61 15.54 -0.54
C THR B 400 -0.91 15.46 -0.51
N ASN B 401 -1.45 14.25 -0.35
CA ASN B 401 -2.89 14.10 -0.31
C ASN B 401 -3.50 14.76 0.93
N GLU B 402 -2.68 14.93 1.98
CA GLU B 402 -3.14 15.61 3.19
C GLU B 402 -3.40 17.07 2.81
N ILE B 403 -2.40 17.71 2.20
CA ILE B 403 -2.53 19.11 1.76
C ILE B 403 -3.73 19.30 0.83
N ASN B 404 -3.90 18.39 -0.12
CA ASN B 404 -5.02 18.48 -1.05
C ASN B 404 -6.36 18.28 -0.34
N ARG B 405 -6.39 17.37 0.62
CA ARG B 405 -7.61 17.11 1.37
C ARG B 405 -8.05 18.36 2.14
N LEU B 406 -7.09 19.16 2.59
CA LEU B 406 -7.41 20.37 3.33
C LEU B 406 -7.93 21.48 2.40
N LEU B 407 -7.51 21.42 1.13
CA LEU B 407 -7.91 22.41 0.15
C LEU B 407 -9.30 22.20 -0.43
N ILE B 408 -9.67 20.94 -0.67
CA ILE B 408 -10.97 20.63 -1.24
C ILE B 408 -12.15 21.27 -0.49
N PRO B 409 -12.23 21.07 0.83
CA PRO B 409 -13.31 21.66 1.62
C PRO B 409 -13.31 23.19 1.59
N GLY B 410 -12.24 23.76 1.07
CA GLY B 410 -12.10 25.20 0.98
C GLY B 410 -13.36 25.97 0.64
N MET B 411 -13.89 25.76 -0.57
CA MET B 411 -15.09 26.45 -0.99
C MET B 411 -16.29 26.21 -0.07
N LEU B 412 -16.43 24.99 0.44
CA LEU B 412 -17.54 24.64 1.32
C LEU B 412 -17.41 25.35 2.66
N LEU B 413 -16.24 25.97 2.87
CA LEU B 413 -15.95 26.69 4.10
C LEU B 413 -15.99 28.20 3.88
N ARG B 414 -16.01 28.64 2.62
CA ARG B 414 -16.05 30.06 2.31
C ARG B 414 -17.42 30.64 2.66
N ARG B 415 -18.30 29.79 3.16
CA ARG B 415 -19.64 30.21 3.57
C ARG B 415 -19.91 29.75 5.00
N ALA B 416 -21.13 29.98 5.48
CA ALA B 416 -21.52 29.58 6.83
C ALA B 416 -22.21 28.22 6.81
N GLU B 441 -38.20 9.94 -2.17
CA GLU B 441 -38.81 9.84 -3.52
C GLU B 441 -37.82 9.24 -4.53
N PRO B 442 -38.02 7.97 -4.93
CA PRO B 442 -37.19 7.21 -5.88
C PRO B 442 -36.92 7.86 -7.24
N GLU B 443 -36.98 7.05 -8.29
CA GLU B 443 -36.74 7.49 -9.66
C GLU B 443 -35.27 7.88 -9.81
N ASP B 444 -34.49 7.00 -10.41
CA ASP B 444 -33.08 7.22 -10.59
C ASP B 444 -32.50 7.43 -9.19
N LEU B 445 -32.85 6.49 -8.31
CA LEU B 445 -32.42 6.52 -6.92
C LEU B 445 -30.91 6.61 -6.80
N GLU B 446 -30.19 5.98 -7.74
CA GLU B 446 -28.74 6.02 -7.70
C GLU B 446 -28.26 7.46 -7.76
N LEU B 447 -28.78 8.23 -8.71
CA LEU B 447 -28.40 9.63 -8.83
C LEU B 447 -28.86 10.41 -7.62
N HIS B 448 -29.88 9.91 -6.94
CA HIS B 448 -30.38 10.55 -5.74
C HIS B 448 -29.38 10.39 -4.60
N GLN B 449 -28.84 9.19 -4.45
CA GLN B 449 -27.86 8.92 -3.39
C GLN B 449 -26.67 9.84 -3.58
N VAL B 450 -26.35 10.11 -4.85
CA VAL B 450 -25.25 11.01 -5.17
C VAL B 450 -25.57 12.40 -4.64
N GLN B 451 -26.83 12.81 -4.80
CA GLN B 451 -27.22 14.11 -4.31
C GLN B 451 -27.14 14.17 -2.80
N ASN B 452 -27.51 13.08 -2.13
CA ASN B 452 -27.47 13.05 -0.67
C ASN B 452 -26.03 13.17 -0.15
N LEU B 453 -25.07 12.57 -0.85
CA LEU B 453 -23.67 12.66 -0.47
C LEU B 453 -23.31 14.13 -0.44
N LYS B 454 -23.71 14.87 -1.47
CA LYS B 454 -23.43 16.30 -1.55
C LYS B 454 -24.02 16.98 -0.32
N LYS B 455 -25.25 16.59 0.03
CA LYS B 455 -25.89 17.15 1.20
C LYS B 455 -25.12 16.75 2.46
N LEU B 456 -24.67 15.50 2.52
CA LEU B 456 -23.93 15.02 3.68
C LEU B 456 -22.72 15.91 3.95
N ALA B 457 -21.97 16.18 2.90
CA ALA B 457 -20.78 17.03 2.99
C ALA B 457 -21.18 18.39 3.54
N LEU B 458 -22.20 18.99 2.94
CA LEU B 458 -22.68 20.30 3.38
C LEU B 458 -23.08 20.29 4.85
N MET B 459 -23.74 19.22 5.28
CA MET B 459 -24.19 19.13 6.66
C MET B 459 -23.00 19.15 7.62
N VAL B 460 -22.01 18.29 7.36
CA VAL B 460 -20.86 18.23 8.22
C VAL B 460 -20.04 19.51 8.16
N ALA B 461 -19.82 20.00 6.95
CA ALA B 461 -19.05 21.22 6.74
C ALA B 461 -19.68 22.39 7.49
N GLY B 462 -21.01 22.47 7.42
CA GLY B 462 -21.72 23.54 8.09
C GLY B 462 -21.56 23.47 9.60
N LEU B 463 -21.78 22.29 10.17
CA LEU B 463 -21.66 22.08 11.61
C LEU B 463 -20.26 22.43 12.08
N ALA B 464 -19.27 22.16 11.23
CA ALA B 464 -17.89 22.46 11.58
C ALA B 464 -17.71 23.97 11.68
N VAL B 465 -18.29 24.70 10.73
CA VAL B 465 -18.18 26.15 10.72
C VAL B 465 -18.95 26.78 11.89
N GLN B 466 -20.18 26.32 12.11
CA GLN B 466 -20.99 26.87 13.19
C GLN B 466 -20.57 26.38 14.55
N LYS B 467 -19.29 26.06 14.68
CA LYS B 467 -18.76 25.59 15.95
C LYS B 467 -17.36 26.13 16.19
N TYR B 468 -16.50 25.96 15.20
CA TYR B 468 -15.13 26.43 15.32
C TYR B 468 -14.91 27.74 14.57
N GLY B 469 -15.82 28.07 13.67
CA GLY B 469 -15.69 29.29 12.91
C GLY B 469 -14.37 29.42 12.17
N GLN B 470 -13.81 30.63 12.18
CA GLN B 470 -12.55 30.92 11.51
C GLN B 470 -11.42 29.97 11.89
N GLY B 471 -11.57 29.29 13.02
CA GLY B 471 -10.55 28.35 13.46
C GLY B 471 -10.81 26.93 12.99
N VAL B 472 -11.77 26.76 12.09
CA VAL B 472 -12.12 25.44 11.57
C VAL B 472 -10.94 24.77 10.86
N GLU B 473 -9.94 25.56 10.48
CA GLU B 473 -8.75 25.06 9.81
C GLU B 473 -7.97 24.03 10.64
N GLU B 474 -7.90 24.26 11.95
CA GLU B 474 -7.18 23.34 12.82
C GLU B 474 -7.82 21.96 12.86
N GLU B 475 -9.14 21.89 12.64
CA GLU B 475 -9.84 20.59 12.66
C GLU B 475 -9.65 19.87 11.34
N GLN B 476 -8.41 19.49 11.05
CA GLN B 476 -8.07 18.80 9.82
C GLN B 476 -8.73 17.45 9.63
N GLU B 477 -8.95 16.71 10.71
CA GLU B 477 -9.59 15.41 10.58
C GLU B 477 -11.00 15.67 10.04
N VAL B 478 -11.70 16.62 10.65
CA VAL B 478 -13.03 16.98 10.16
C VAL B 478 -12.97 17.37 8.68
N LEU B 479 -12.01 18.21 8.29
CA LEU B 479 -11.94 18.62 6.90
C LEU B 479 -11.69 17.45 5.96
N GLY B 480 -10.86 16.52 6.42
CA GLY B 480 -10.53 15.35 5.63
C GLY B 480 -11.73 14.44 5.34
N ALA B 481 -12.51 14.18 6.38
CA ALA B 481 -13.69 13.34 6.22
C ALA B 481 -14.62 14.08 5.22
N VAL B 482 -14.70 15.40 5.34
CA VAL B 482 -15.54 16.17 4.41
C VAL B 482 -15.01 16.04 2.97
N ALA B 483 -13.69 16.14 2.79
CA ALA B 483 -13.07 16.03 1.46
C ALA B 483 -13.30 14.66 0.84
N ASP B 484 -13.22 13.60 1.65
CA ASP B 484 -13.44 12.25 1.16
C ASP B 484 -14.89 12.06 0.65
N ILE B 485 -15.82 12.80 1.22
CA ILE B 485 -17.20 12.68 0.78
C ILE B 485 -17.33 13.41 -0.57
N LEU B 486 -16.73 14.60 -0.65
CA LEU B 486 -16.76 15.39 -1.88
C LEU B 486 -16.09 14.62 -3.02
N ILE B 487 -15.00 13.92 -2.71
CA ILE B 487 -14.28 13.11 -3.69
C ILE B 487 -15.14 11.99 -4.24
N ASP B 488 -15.79 11.24 -3.34
CA ASP B 488 -16.63 10.11 -3.78
C ASP B 488 -17.89 10.59 -4.48
N ALA B 489 -18.34 11.79 -4.11
CA ALA B 489 -19.53 12.35 -4.71
C ALA B 489 -19.20 12.67 -6.16
N TYR B 490 -18.20 13.52 -6.36
CA TYR B 490 -17.78 13.91 -7.70
C TYR B 490 -17.47 12.69 -8.56
N ALA B 491 -16.70 11.76 -8.00
CA ALA B 491 -16.33 10.54 -8.72
C ALA B 491 -17.54 9.68 -9.07
N ALA B 492 -18.40 9.42 -8.09
CA ALA B 492 -19.57 8.56 -8.33
C ALA B 492 -20.48 9.19 -9.37
N GLU B 493 -20.76 10.47 -9.19
CA GLU B 493 -21.62 11.18 -10.11
C GLU B 493 -21.04 11.16 -11.50
N SER B 494 -19.77 11.53 -11.61
CA SER B 494 -19.13 11.54 -12.91
C SER B 494 -19.12 10.13 -13.51
N ALA B 495 -19.09 9.11 -12.65
CA ALA B 495 -19.10 7.74 -13.14
C ALA B 495 -20.50 7.30 -13.58
N LEU B 496 -21.51 7.75 -12.85
CA LEU B 496 -22.90 7.40 -13.14
C LEU B 496 -23.44 8.08 -14.39
N LEU B 497 -23.21 9.38 -14.51
CA LEU B 497 -23.67 10.11 -15.68
C LEU B 497 -23.06 9.57 -16.95
N ARG B 498 -21.82 9.09 -16.88
CA ARG B 498 -21.17 8.54 -18.06
C ARG B 498 -21.74 7.16 -18.39
N ALA B 499 -22.06 6.39 -17.36
CA ALA B 499 -22.60 5.05 -17.55
C ALA B 499 -23.93 5.09 -18.32
N ARG B 500 -24.70 6.17 -18.10
CA ARG B 500 -26.00 6.37 -18.75
C ARG B 500 -25.85 6.55 -20.26
N ARG B 501 -24.81 7.28 -20.66
CA ARG B 501 -24.54 7.52 -22.07
C ARG B 501 -23.83 6.32 -22.67
N LEU B 502 -22.80 5.86 -21.97
CA LEU B 502 -21.99 4.74 -22.41
C LEU B 502 -22.75 3.42 -22.46
N GLY B 503 -23.37 3.08 -21.34
CA GLY B 503 -24.12 1.84 -21.25
C GLY B 503 -23.22 0.62 -21.17
N GLY B 504 -23.84 -0.55 -21.17
CA GLY B 504 -23.08 -1.78 -21.09
C GLY B 504 -22.55 -2.09 -19.71
N LEU B 505 -21.26 -2.36 -19.62
CA LEU B 505 -20.64 -2.69 -18.35
C LEU B 505 -20.54 -1.43 -17.49
N ALA B 506 -20.52 -0.26 -18.13
CA ALA B 506 -20.42 1.01 -17.41
C ALA B 506 -21.32 1.08 -16.17
N PRO B 507 -22.62 0.81 -16.31
CA PRO B 507 -23.52 0.87 -15.15
C PRO B 507 -23.05 -0.01 -13.99
N VAL B 508 -22.58 -1.21 -14.31
CA VAL B 508 -22.11 -2.15 -13.31
C VAL B 508 -20.93 -1.57 -12.54
N LEU B 509 -20.00 -0.94 -13.25
CA LEU B 509 -18.81 -0.38 -12.61
C LEU B 509 -19.20 0.81 -11.75
N ALA B 510 -20.15 1.58 -12.25
CA ALA B 510 -20.62 2.75 -11.53
C ALA B 510 -21.33 2.33 -10.24
N ARG B 511 -22.09 1.25 -10.30
CA ARG B 511 -22.86 0.77 -9.15
C ARG B 511 -21.94 0.23 -8.06
N ILE B 512 -20.89 -0.49 -8.47
CA ILE B 512 -19.92 -1.05 -7.56
C ILE B 512 -19.22 0.06 -6.76
N TYR B 513 -18.91 1.15 -7.45
CA TYR B 513 -18.23 2.28 -6.83
C TYR B 513 -19.16 3.06 -5.92
N LEU B 514 -20.38 3.31 -6.40
CA LEU B 514 -21.40 4.03 -5.66
C LEU B 514 -21.70 3.39 -4.30
N ALA B 515 -22.05 2.10 -4.30
CA ALA B 515 -22.36 1.39 -3.06
C ALA B 515 -21.26 1.57 -2.01
N GLN B 516 -20.03 1.29 -2.40
CA GLN B 516 -18.91 1.42 -1.49
C GLN B 516 -18.69 2.86 -1.01
N ALA B 517 -18.90 3.83 -1.91
CA ALA B 517 -18.74 5.23 -1.57
C ALA B 517 -19.74 5.63 -0.49
N LEU B 518 -20.95 5.09 -0.56
CA LEU B 518 -21.96 5.42 0.44
C LEU B 518 -21.56 4.88 1.80
N ASP B 519 -20.96 3.70 1.82
CA ASP B 519 -20.54 3.13 3.09
C ASP B 519 -19.45 3.95 3.75
N ARG B 520 -18.50 4.39 2.92
CA ARG B 520 -17.37 5.20 3.38
C ARG B 520 -17.90 6.55 3.85
N ALA B 521 -18.95 7.04 3.22
CA ALA B 521 -19.55 8.32 3.59
C ALA B 521 -20.15 8.23 4.99
N GLN B 522 -20.92 7.17 5.25
CA GLN B 522 -21.54 7.02 6.56
C GLN B 522 -20.47 6.91 7.64
N ALA B 523 -19.53 5.98 7.46
CA ALA B 523 -18.46 5.77 8.43
C ALA B 523 -17.66 7.07 8.65
N GLY B 524 -17.24 7.72 7.58
CA GLY B 524 -16.48 8.96 7.73
C GLY B 524 -17.24 10.08 8.44
N ALA B 525 -18.47 10.34 8.01
CA ALA B 525 -19.27 11.41 8.63
C ALA B 525 -19.46 11.08 10.12
N LEU B 526 -19.79 9.84 10.41
CA LEU B 526 -20.00 9.44 11.79
C LEU B 526 -18.72 9.36 12.63
N SER B 527 -17.56 9.38 11.98
CA SER B 527 -16.31 9.30 12.71
C SER B 527 -15.81 10.69 13.10
N VAL B 528 -16.42 11.73 12.53
CA VAL B 528 -16.02 13.10 12.86
C VAL B 528 -17.16 13.95 13.39
N LEU B 529 -18.37 13.39 13.46
CA LEU B 529 -19.53 14.12 13.94
C LEU B 529 -19.54 14.32 15.45
N PRO B 530 -19.19 13.27 16.22
CA PRO B 530 -19.16 13.39 17.69
C PRO B 530 -18.26 14.54 18.11
N ARG B 531 -17.43 15.01 17.17
CA ARG B 531 -16.50 16.11 17.44
C ARG B 531 -17.18 17.48 17.30
N LEU B 532 -18.28 17.49 16.56
CA LEU B 532 -19.05 18.71 16.30
C LEU B 532 -20.34 18.83 17.11
N VAL B 533 -20.94 17.70 17.45
CA VAL B 533 -22.20 17.71 18.20
C VAL B 533 -22.21 16.75 19.39
N GLU B 534 -23.02 17.04 20.39
CA GLU B 534 -23.13 16.19 21.57
C GLU B 534 -24.56 16.16 22.12
N GLY B 535 -24.77 15.32 23.12
CA GLY B 535 -26.07 15.20 23.75
C GLY B 535 -27.19 14.79 22.83
N ASP B 536 -28.39 15.28 23.12
CA ASP B 536 -29.56 14.95 22.32
C ASP B 536 -29.42 15.46 20.90
N GLU B 537 -28.88 16.67 20.75
CA GLU B 537 -28.70 17.28 19.43
C GLU B 537 -27.86 16.38 18.53
N ALA B 538 -26.79 15.81 19.09
CA ALA B 538 -25.89 14.93 18.33
C ALA B 538 -26.63 13.74 17.71
N ARG B 539 -27.51 13.12 18.50
CA ARG B 539 -28.26 11.96 18.02
C ARG B 539 -29.08 12.29 16.78
N VAL B 540 -29.69 13.47 16.77
CA VAL B 540 -30.51 13.91 15.63
C VAL B 540 -29.62 13.98 14.39
N VAL B 541 -28.46 14.61 14.54
CA VAL B 541 -27.50 14.74 13.45
C VAL B 541 -27.07 13.36 12.95
N TYR B 542 -26.83 12.43 13.88
CA TYR B 542 -26.41 11.09 13.48
C TYR B 542 -27.47 10.40 12.61
N SER B 543 -28.73 10.56 12.96
CA SER B 543 -29.79 9.96 12.17
C SER B 543 -29.85 10.62 10.79
N ALA B 544 -29.57 11.92 10.72
CA ALA B 544 -29.62 12.59 9.43
C ALA B 544 -28.49 12.10 8.54
N ALA B 545 -27.31 11.88 9.14
CA ALA B 545 -26.16 11.41 8.38
C ALA B 545 -26.45 10.02 7.82
N ARG B 546 -27.17 9.20 8.57
CA ARG B 546 -27.50 7.86 8.11
C ARG B 546 -28.50 7.84 6.98
N ARG B 547 -29.54 8.65 7.08
CA ARG B 547 -30.54 8.67 6.02
C ARG B 547 -29.95 9.19 4.72
N LEU B 548 -29.03 10.14 4.84
CA LEU B 548 -28.40 10.72 3.66
C LEU B 548 -27.47 9.71 3.00
N THR B 549 -27.24 8.58 3.66
CA THR B 549 -26.37 7.54 3.11
C THR B 549 -27.10 6.20 3.08
N LYS B 550 -28.41 6.23 3.33
CA LYS B 550 -29.22 5.03 3.32
C LYS B 550 -29.28 4.46 1.90
N ARG B 551 -29.11 3.16 1.78
CA ARG B 551 -29.17 2.52 0.47
C ARG B 551 -29.66 1.09 0.60
N GLU B 552 -30.01 0.50 -0.53
CA GLU B 552 -30.48 -0.87 -0.58
C GLU B 552 -29.31 -1.79 -0.91
N PRO B 553 -29.10 -2.84 -0.10
CA PRO B 553 -28.01 -3.80 -0.29
C PRO B 553 -27.84 -4.26 -1.75
N GLY B 554 -26.62 -4.10 -2.28
CA GLY B 554 -26.33 -4.52 -3.64
C GLY B 554 -25.48 -5.78 -3.59
N ASP B 555 -25.55 -6.62 -4.61
CA ASP B 555 -24.78 -7.86 -4.64
C ASP B 555 -23.42 -7.59 -5.27
N LEU B 556 -22.48 -7.11 -4.46
CA LEU B 556 -21.14 -6.79 -4.95
C LEU B 556 -20.43 -8.03 -5.46
N VAL B 557 -20.71 -9.17 -4.86
CA VAL B 557 -20.08 -10.39 -5.33
C VAL B 557 -20.42 -10.60 -6.79
N ALA B 558 -21.73 -10.59 -7.09
CA ALA B 558 -22.20 -10.78 -8.46
C ALA B 558 -21.64 -9.71 -9.39
N LEU B 559 -21.79 -8.45 -9.00
CA LEU B 559 -21.31 -7.37 -9.87
C LEU B 559 -19.80 -7.39 -10.12
N ARG B 560 -19.01 -7.60 -9.08
CA ARG B 560 -17.57 -7.64 -9.28
C ARG B 560 -17.22 -8.82 -10.19
N ARG B 561 -17.84 -9.97 -9.97
CA ARG B 561 -17.55 -11.12 -10.81
C ARG B 561 -17.87 -10.82 -12.27
N GLN B 562 -18.92 -10.05 -12.50
CA GLN B 562 -19.33 -9.66 -13.86
C GLN B 562 -18.25 -8.79 -14.50
N ALA B 563 -17.69 -7.86 -13.73
CA ALA B 563 -16.63 -6.96 -14.20
C ALA B 563 -15.36 -7.77 -14.47
N ALA B 564 -15.05 -8.67 -13.54
CA ALA B 564 -13.88 -9.56 -13.65
C ALA B 564 -13.93 -10.28 -14.98
N GLU B 565 -15.02 -11.01 -15.22
CA GLU B 565 -15.19 -11.74 -16.48
C GLU B 565 -14.85 -10.83 -17.67
N ALA B 566 -15.37 -9.60 -17.62
CA ALA B 566 -15.12 -8.64 -18.70
C ALA B 566 -13.64 -8.27 -18.76
N VAL B 567 -13.00 -8.19 -17.60
CA VAL B 567 -11.58 -7.84 -17.52
C VAL B 567 -10.77 -8.96 -18.16
N LEU B 568 -11.03 -10.19 -17.74
CA LEU B 568 -10.31 -11.34 -18.28
C LEU B 568 -10.59 -11.47 -19.77
N GLU B 569 -11.79 -11.09 -20.18
CA GLU B 569 -12.17 -11.17 -21.58
C GLU B 569 -11.42 -10.14 -22.41
N ALA B 570 -11.34 -8.92 -21.90
CA ALA B 570 -10.65 -7.85 -22.60
C ALA B 570 -9.15 -7.83 -22.31
N GLY B 571 -8.73 -8.63 -21.34
CA GLY B 571 -7.31 -8.68 -21.00
C GLY B 571 -6.86 -7.40 -20.33
N GLY B 572 -7.77 -6.74 -19.61
CA GLY B 572 -7.40 -5.51 -18.95
C GLY B 572 -8.60 -4.63 -18.78
N TYR B 573 -8.44 -3.32 -18.93
CA TYR B 573 -9.55 -2.39 -18.78
C TYR B 573 -10.62 -2.76 -19.82
N PRO B 574 -11.79 -3.27 -19.37
CA PRO B 574 -12.87 -3.66 -20.27
C PRO B 574 -13.48 -2.59 -21.16
N ILE B 575 -13.51 -1.34 -20.71
CA ILE B 575 -14.08 -0.27 -21.51
C ILE B 575 -13.27 -0.05 -22.78
N PRO B 576 -13.90 -0.20 -23.95
CA PRO B 576 -13.30 -0.03 -25.27
C PRO B 576 -12.48 1.25 -25.46
N ARG B 577 -11.40 1.14 -26.23
CA ARG B 577 -10.50 2.25 -26.54
C ARG B 577 -11.32 3.43 -27.05
#